data_4JJG
#
_entry.id   4JJG
#
_cell.length_a   141.880
_cell.length_b   141.880
_cell.length_c   95.480
_cell.angle_alpha   90.00
_cell.angle_beta   90.00
_cell.angle_gamma   120.00
#
_symmetry.space_group_name_H-M   'H 3'
#
loop_
_entity.id
_entity.type
_entity.pdbx_description
1 polymer '5,10-methenyltetrahydromethanopterin hydrogenase'
2 non-polymer 'iron-guanylyl pyridinol cofactor'
3 non-polymer N-methyl-1-[(4-methylbenzyl)sulfonyl]methanamine
4 water water
#
_entity_poly.entity_id   1
_entity_poly.type   'polypeptide(L)'
_entity_poly.pdbx_seq_one_letter_code
;MKLAILGAGCYRTHAASGITNFSRACEVAEMVGKPEIAMTHSTITMGAELKELAGVDEVVVADPVFDNQFTVIDDFAYED
VIEAHKEDPEKIMPQIREKVNEVAKELPKPPEGAIHFTHPEDLGFEITTDDREAVADADFIMTWFPKGDMQPDIINKFID
DIKPGAIVTHACTIPTTKFYKIFEQKHGDLVTKPETLNVTSYHPGAVPEMKGQVYIAEGYASEDAIETLFELGQKARGNA
YRLPAELLGPVCDMCSALTAITYAGILSYRDSVTQVLGAPASFAQMMAKESLEQITALMEKVGIDKMEENLDPGALLGTA
DSMNFGASAEILPTVFEILEKRKK
;
_entity_poly.pdbx_strand_id   A,B
#
loop_
_chem_comp.id
_chem_comp.type
_chem_comp.name
_chem_comp.formula
FE9 non-polymer 'iron-guanylyl pyridinol cofactor' 'C21 H23 Fe N6 O13 P S 4'
IC9 non-polymer N-methyl-1-[(4-methylbenzyl)sulfonyl]methanamine 'C10 H15 N O2 S'
#
# COMPACT_ATOMS: atom_id res chain seq x y z
N MET A 1 -13.90 23.02 -33.73
CA MET A 1 -12.60 22.31 -33.64
C MET A 1 -12.69 20.93 -34.31
N LYS A 2 -11.74 20.64 -35.20
CA LYS A 2 -11.83 19.38 -35.94
C LYS A 2 -11.21 18.25 -35.10
N LEU A 3 -12.01 17.20 -34.89
CA LEU A 3 -11.53 15.92 -34.31
C LEU A 3 -11.28 14.84 -35.36
N ALA A 4 -10.02 14.44 -35.50
CA ALA A 4 -9.67 13.23 -36.29
C ALA A 4 -9.45 12.04 -35.36
N ILE A 5 -10.30 11.04 -35.52
CA ILE A 5 -10.22 9.79 -34.78
C ILE A 5 -9.49 8.82 -35.68
N LEU A 6 -8.44 8.23 -35.12
CA LEU A 6 -7.55 7.37 -35.88
C LEU A 6 -7.57 5.97 -35.23
N GLY A 7 -8.32 5.08 -35.88
CA GLY A 7 -8.54 3.72 -35.43
C GLY A 7 -10.00 3.65 -34.98
N ALA A 8 -10.78 2.79 -35.65
CA ALA A 8 -12.18 2.58 -35.28
C ALA A 8 -12.34 1.51 -34.20
N GLY A 9 -11.31 0.70 -33.99
CA GLY A 9 -11.36 -0.43 -33.07
C GLY A 9 -12.22 -1.57 -33.55
N CYS A 10 -12.02 -2.74 -32.94
CA CYS A 10 -12.80 -3.94 -33.25
C CYS A 10 -13.43 -4.46 -31.97
N TYR A 11 -14.58 -5.09 -32.08
CA TYR A 11 -15.29 -5.56 -30.89
C TYR A 11 -14.82 -6.92 -30.35
N ARG A 12 -14.19 -7.75 -31.19
CA ARG A 12 -13.91 -9.17 -30.84
C ARG A 12 -13.39 -9.41 -29.43
N THR A 13 -12.37 -8.66 -29.02
CA THR A 13 -11.80 -8.82 -27.68
C THR A 13 -12.73 -8.29 -26.58
N HIS A 14 -13.62 -7.36 -26.91
CA HIS A 14 -14.66 -7.02 -25.95
C HIS A 14 -15.54 -8.23 -25.71
N ALA A 15 -16.07 -8.85 -26.77
CA ALA A 15 -16.93 -10.03 -26.61
C ALA A 15 -16.19 -11.16 -25.94
N ALA A 16 -15.00 -11.50 -26.45
CA ALA A 16 -14.18 -12.61 -25.92
C ALA A 16 -13.89 -12.48 -24.42
N SER A 17 -13.86 -11.25 -23.91
CA SER A 17 -13.60 -11.05 -22.47
C SER A 17 -14.72 -11.62 -21.58
N GLY A 18 -15.95 -11.66 -22.12
CA GLY A 18 -17.12 -12.19 -21.42
C GLY A 18 -17.71 -11.29 -20.35
N ILE A 19 -17.11 -10.12 -20.11
CA ILE A 19 -17.56 -9.24 -19.02
C ILE A 19 -17.78 -7.79 -19.43
N THR A 20 -18.10 -7.57 -20.70
CA THR A 20 -18.45 -6.20 -21.08
C THR A 20 -19.91 -6.06 -21.51
N ASN A 21 -20.42 -4.83 -21.46
CA ASN A 21 -21.78 -4.55 -21.92
C ASN A 21 -21.78 -3.16 -22.53
N PHE A 22 -22.96 -2.65 -22.83
CA PHE A 22 -23.13 -1.41 -23.61
C PHE A 22 -23.71 -0.27 -22.79
N SER A 23 -23.60 -0.38 -21.48
CA SER A 23 -24.35 0.47 -20.60
C SER A 23 -24.09 1.98 -20.76
N ARG A 24 -22.84 2.42 -20.95
CA ARG A 24 -22.59 3.83 -21.30
C ARG A 24 -23.16 4.22 -22.65
N ALA A 25 -22.90 3.37 -23.65
CA ALA A 25 -23.36 3.67 -24.98
C ALA A 25 -24.89 3.84 -24.95
N CYS A 26 -25.59 2.96 -24.22
CA CYS A 26 -27.03 3.07 -23.99
C CYS A 26 -27.42 4.37 -23.24
N GLU A 27 -26.66 4.76 -22.22
CA GLU A 27 -26.99 6.01 -21.55
C GLU A 27 -26.96 7.19 -22.55
N VAL A 28 -25.88 7.39 -23.31
CA VAL A 28 -25.90 8.55 -24.22
C VAL A 28 -27.00 8.45 -25.31
N ALA A 29 -27.16 7.26 -25.88
CA ALA A 29 -28.21 7.01 -26.87
C ALA A 29 -29.57 7.57 -26.42
N GLU A 30 -29.86 7.42 -25.13
CA GLU A 30 -31.09 7.93 -24.53
C GLU A 30 -31.01 9.43 -24.29
N MET A 31 -29.87 9.93 -23.82
CA MET A 31 -29.72 11.38 -23.56
C MET A 31 -30.09 12.21 -24.80
N VAL A 32 -29.65 11.73 -25.96
CA VAL A 32 -29.80 12.44 -27.21
C VAL A 32 -30.84 11.76 -28.11
N GLY A 33 -31.50 10.73 -27.58
CA GLY A 33 -32.57 10.06 -28.31
C GLY A 33 -32.15 9.59 -29.69
N LYS A 34 -30.97 8.97 -29.76
CA LYS A 34 -30.49 8.38 -31.01
C LYS A 34 -30.16 6.90 -30.76
N PRO A 35 -31.12 6.02 -31.03
CA PRO A 35 -30.98 4.60 -30.58
C PRO A 35 -29.71 3.91 -31.07
N GLU A 36 -29.25 4.27 -32.26
CA GLU A 36 -28.06 3.69 -32.89
C GLU A 36 -26.73 3.96 -32.17
N ILE A 37 -26.74 4.92 -31.23
CA ILE A 37 -25.54 5.16 -30.42
C ILE A 37 -25.38 4.00 -29.44
N ALA A 38 -26.49 3.32 -29.18
CA ALA A 38 -26.57 2.22 -28.18
C ALA A 38 -25.56 1.09 -28.35
N MET A 39 -25.21 0.73 -29.58
CA MET A 39 -24.25 -0.37 -29.79
C MET A 39 -22.94 0.07 -30.42
N THR A 40 -22.63 1.35 -30.30
CA THR A 40 -21.32 1.85 -30.74
C THR A 40 -20.25 1.28 -29.78
N HIS A 41 -19.01 1.18 -30.22
CA HIS A 41 -17.97 0.77 -29.29
C HIS A 41 -16.65 1.52 -29.52
N SER A 42 -15.77 1.41 -28.55
CA SER A 42 -14.45 1.99 -28.68
C SER A 42 -14.52 3.48 -29.07
N THR A 43 -13.84 3.79 -30.14
CA THR A 43 -13.60 5.13 -30.57
C THR A 43 -14.89 5.74 -31.16
N ILE A 44 -15.75 4.89 -31.70
CA ILE A 44 -17.02 5.34 -32.25
C ILE A 44 -17.94 5.79 -31.14
N THR A 45 -18.00 5.09 -30.03
CA THR A 45 -18.70 5.59 -28.84
C THR A 45 -18.21 6.96 -28.41
N MET A 46 -16.90 7.10 -28.23
CA MET A 46 -16.32 8.33 -27.75
C MET A 46 -16.50 9.50 -28.73
N GLY A 47 -16.46 9.19 -30.01
CA GLY A 47 -16.79 10.15 -31.07
C GLY A 47 -18.25 10.59 -31.00
N ALA A 48 -19.18 9.68 -30.79
CA ALA A 48 -20.58 10.14 -30.66
C ALA A 48 -20.74 11.07 -29.45
N GLU A 49 -20.05 10.75 -28.36
CA GLU A 49 -20.17 11.55 -27.15
C GLU A 49 -19.66 12.96 -27.43
N LEU A 50 -18.50 13.04 -28.06
CA LEU A 50 -17.88 14.33 -28.38
C LEU A 50 -18.76 15.18 -29.29
N LYS A 51 -19.40 14.56 -30.27
CA LYS A 51 -20.25 15.26 -31.21
C LYS A 51 -21.59 15.63 -30.60
N GLU A 52 -22.20 14.68 -29.90
CA GLU A 52 -23.57 14.84 -29.47
C GLU A 52 -23.65 15.51 -28.11
N LEU A 53 -22.62 15.34 -27.29
CA LEU A 53 -22.66 15.90 -25.96
C LEU A 53 -21.78 17.12 -25.75
N ALA A 54 -20.72 17.26 -26.56
CA ALA A 54 -19.71 18.28 -26.32
C ALA A 54 -19.53 19.28 -27.46
N GLY A 55 -20.55 19.39 -28.30
CA GLY A 55 -20.55 20.32 -29.43
C GLY A 55 -19.46 20.15 -30.49
N VAL A 56 -18.74 19.03 -30.51
CA VAL A 56 -17.71 18.83 -31.53
C VAL A 56 -18.38 18.35 -32.83
N ASP A 57 -18.72 19.29 -33.72
CA ASP A 57 -19.46 18.96 -34.95
C ASP A 57 -18.65 18.30 -36.09
N GLU A 58 -17.37 18.64 -36.21
CA GLU A 58 -16.50 18.08 -37.26
C GLU A 58 -15.68 16.87 -36.78
N VAL A 59 -16.16 15.67 -37.08
CA VAL A 59 -15.47 14.45 -36.72
C VAL A 59 -15.15 13.61 -37.94
N VAL A 60 -13.86 13.27 -38.12
CA VAL A 60 -13.41 12.31 -39.15
C VAL A 60 -12.92 11.03 -38.48
N VAL A 61 -13.31 9.88 -39.03
CA VAL A 61 -12.70 8.63 -38.62
C VAL A 61 -11.86 8.08 -39.76
N ALA A 62 -10.63 7.62 -39.45
CA ALA A 62 -9.72 7.04 -40.44
C ALA A 62 -9.27 5.68 -39.96
N ASP A 63 -9.29 4.73 -40.87
CA ASP A 63 -8.92 3.35 -40.55
C ASP A 63 -8.84 2.58 -41.86
N PRO A 64 -7.72 1.87 -42.08
CA PRO A 64 -7.52 1.16 -43.36
C PRO A 64 -8.60 0.10 -43.57
N VAL A 65 -9.13 -0.42 -42.45
CA VAL A 65 -10.21 -1.42 -42.42
C VAL A 65 -11.47 -1.06 -43.21
N PHE A 66 -11.82 0.22 -43.28
CA PHE A 66 -13.02 0.62 -44.02
C PHE A 66 -13.02 0.11 -45.46
N ASP A 67 -11.85 0.05 -46.09
CA ASP A 67 -11.77 -0.42 -47.48
C ASP A 67 -11.52 -1.92 -47.53
N ASN A 68 -11.32 -2.56 -46.37
CA ASN A 68 -11.21 -4.04 -46.30
C ASN A 68 -12.52 -4.67 -45.79
N GLN A 69 -12.41 -5.54 -44.79
CA GLN A 69 -13.57 -6.29 -44.31
C GLN A 69 -14.16 -5.69 -43.04
N PHE A 70 -14.76 -4.52 -43.18
CA PHE A 70 -15.40 -3.85 -42.07
C PHE A 70 -16.79 -4.43 -41.99
N THR A 71 -17.05 -5.17 -40.93
CA THR A 71 -18.31 -5.93 -40.89
C THR A 71 -19.27 -5.43 -39.82
N VAL A 72 -20.51 -5.21 -40.25
CA VAL A 72 -21.52 -4.65 -39.38
C VAL A 72 -22.53 -5.73 -39.06
N ILE A 73 -22.56 -6.14 -37.79
CA ILE A 73 -23.53 -7.13 -37.29
C ILE A 73 -24.89 -6.46 -37.04
N ASP A 74 -25.89 -6.83 -37.83
CA ASP A 74 -27.22 -6.20 -37.79
C ASP A 74 -28.28 -7.11 -37.10
N ASP A 75 -27.80 -8.17 -36.47
CA ASP A 75 -28.64 -9.21 -35.92
C ASP A 75 -29.52 -8.76 -34.77
N PHE A 76 -29.15 -7.65 -34.14
CA PHE A 76 -29.78 -7.17 -32.90
C PHE A 76 -30.30 -5.77 -33.08
N ALA A 77 -31.53 -5.52 -32.60
CA ALA A 77 -32.14 -4.19 -32.71
C ALA A 77 -31.71 -3.31 -31.54
N TYR A 78 -31.25 -2.10 -31.88
CA TYR A 78 -30.90 -1.06 -30.91
C TYR A 78 -31.83 -0.97 -29.69
N GLU A 79 -33.15 -1.01 -29.96
CA GLU A 79 -34.18 -0.87 -28.93
C GLU A 79 -34.16 -1.98 -27.90
N ASP A 80 -33.94 -3.21 -28.34
CA ASP A 80 -33.91 -4.33 -27.42
C ASP A 80 -32.73 -4.27 -26.51
N VAL A 81 -31.63 -3.73 -27.02
CA VAL A 81 -30.41 -3.56 -26.28
C VAL A 81 -30.58 -2.46 -25.23
N ILE A 82 -31.03 -1.28 -25.64
CA ILE A 82 -31.37 -0.23 -24.69
C ILE A 82 -32.31 -0.79 -23.60
N GLU A 83 -33.40 -1.42 -24.02
CA GLU A 83 -34.35 -1.99 -23.08
C GLU A 83 -33.68 -2.91 -22.05
N ALA A 84 -32.88 -3.86 -22.53
CA ALA A 84 -32.24 -4.85 -21.69
C ALA A 84 -31.29 -4.20 -20.69
N HIS A 85 -30.67 -3.10 -21.08
CA HIS A 85 -29.69 -2.46 -20.23
C HIS A 85 -30.26 -1.62 -19.08
N LYS A 86 -31.59 -1.50 -19.02
CA LYS A 86 -32.26 -0.82 -17.90
C LYS A 86 -32.38 -1.69 -16.63
N GLU A 87 -32.62 -2.99 -16.80
CA GLU A 87 -32.73 -3.93 -15.69
C GLU A 87 -31.44 -4.79 -15.54
N ASP A 88 -31.14 -5.58 -16.57
CA ASP A 88 -30.00 -6.49 -16.57
C ASP A 88 -29.44 -6.64 -17.99
N PRO A 89 -28.25 -6.10 -18.26
CA PRO A 89 -27.58 -6.27 -19.57
C PRO A 89 -27.35 -7.73 -19.96
N GLU A 90 -27.26 -8.60 -18.96
CA GLU A 90 -27.06 -10.05 -19.17
C GLU A 90 -28.20 -10.78 -19.86
N LYS A 91 -29.36 -10.14 -19.96
CA LYS A 91 -30.49 -10.70 -20.71
C LYS A 91 -30.15 -10.78 -22.21
N ILE A 92 -29.20 -9.95 -22.64
CA ILE A 92 -28.84 -9.83 -24.06
C ILE A 92 -27.35 -10.07 -24.37
N MET A 93 -26.43 -9.71 -23.47
CA MET A 93 -24.98 -9.88 -23.77
C MET A 93 -24.55 -11.31 -24.18
N PRO A 94 -24.98 -12.36 -23.48
CA PRO A 94 -24.56 -13.70 -23.90
C PRO A 94 -24.74 -13.94 -25.41
N GLN A 95 -25.93 -13.70 -25.96
CA GLN A 95 -26.08 -13.88 -27.41
C GLN A 95 -25.33 -12.85 -28.29
N ILE A 96 -25.11 -11.63 -27.82
CA ILE A 96 -24.29 -10.68 -28.59
C ILE A 96 -22.89 -11.27 -28.70
N ARG A 97 -22.37 -11.74 -27.57
CA ARG A 97 -21.03 -12.36 -27.50
C ARG A 97 -20.88 -13.58 -28.43
N GLU A 98 -21.80 -14.55 -28.32
CA GLU A 98 -21.77 -15.75 -29.16
C GLU A 98 -21.69 -15.38 -30.63
N LYS A 99 -22.53 -14.44 -31.04
CA LYS A 99 -22.59 -13.98 -32.43
C LYS A 99 -21.26 -13.38 -32.87
N VAL A 100 -20.66 -12.57 -32.01
CA VAL A 100 -19.36 -11.99 -32.30
C VAL A 100 -18.23 -13.03 -32.27
N ASN A 101 -18.19 -13.88 -31.25
CA ASN A 101 -17.18 -14.95 -31.20
C ASN A 101 -17.17 -15.82 -32.44
N GLU A 102 -18.34 -16.03 -33.03
CA GLU A 102 -18.50 -16.85 -34.24
C GLU A 102 -17.99 -16.15 -35.49
N VAL A 103 -18.38 -14.89 -35.66
CA VAL A 103 -17.86 -14.04 -36.71
C VAL A 103 -16.34 -13.88 -36.58
N ALA A 104 -15.84 -13.69 -35.35
CA ALA A 104 -14.40 -13.49 -35.13
C ALA A 104 -13.56 -14.74 -35.39
N LYS A 105 -14.17 -15.91 -35.24
CA LYS A 105 -13.46 -17.16 -35.42
C LYS A 105 -12.78 -17.14 -36.79
N GLU A 106 -13.56 -16.86 -37.84
CA GLU A 106 -13.06 -16.83 -39.22
C GLU A 106 -12.48 -15.49 -39.74
N LEU A 107 -12.68 -14.39 -39.02
CA LEU A 107 -12.39 -13.04 -39.58
C LEU A 107 -11.01 -12.49 -39.24
N PRO A 108 -10.29 -11.94 -40.22
CA PRO A 108 -8.92 -11.47 -39.98
C PRO A 108 -8.82 -10.38 -38.90
N LYS A 109 -7.63 -10.24 -38.34
CA LYS A 109 -7.42 -9.23 -37.31
C LYS A 109 -7.44 -7.85 -37.92
N PRO A 110 -7.71 -6.86 -37.08
CA PRO A 110 -7.74 -5.50 -37.59
C PRO A 110 -6.39 -5.05 -38.11
N PRO A 111 -6.39 -4.85 -39.42
CA PRO A 111 -6.64 -3.57 -40.11
C PRO A 111 -7.40 -4.17 -41.31
N GLU A 112 -7.45 -5.50 -41.34
CA GLU A 112 -8.09 -6.28 -42.40
C GLU A 112 -9.54 -6.64 -42.07
N GLY A 113 -9.81 -6.91 -40.79
CA GLY A 113 -11.16 -7.17 -40.33
C GLY A 113 -11.50 -6.47 -39.02
N ALA A 114 -12.72 -5.96 -38.93
CA ALA A 114 -13.19 -5.32 -37.70
C ALA A 114 -14.72 -5.47 -37.60
N ILE A 115 -15.20 -5.67 -36.37
CA ILE A 115 -16.58 -6.05 -36.07
C ILE A 115 -17.24 -4.89 -35.34
N HIS A 116 -18.32 -4.36 -35.92
CA HIS A 116 -19.15 -3.30 -35.31
C HIS A 116 -20.62 -3.63 -35.50
N PHE A 117 -21.50 -2.84 -34.92
CA PHE A 117 -22.96 -3.01 -34.97
C PHE A 117 -23.63 -1.78 -35.52
N THR A 118 -22.89 -0.67 -35.56
CA THR A 118 -23.40 0.55 -36.19
C THR A 118 -22.28 1.27 -36.96
N HIS A 119 -22.51 1.47 -38.26
CA HIS A 119 -21.54 2.19 -39.09
C HIS A 119 -21.34 3.63 -38.63
N PRO A 120 -20.07 4.07 -38.54
CA PRO A 120 -19.78 5.45 -38.12
C PRO A 120 -20.41 6.43 -39.06
N GLU A 121 -20.39 6.06 -40.34
CA GLU A 121 -21.18 6.66 -41.42
C GLU A 121 -22.54 7.19 -40.98
N ASP A 122 -23.27 6.34 -40.26
CA ASP A 122 -24.66 6.56 -39.86
C ASP A 122 -24.79 7.58 -38.73
N LEU A 123 -23.65 8.04 -38.22
CA LEU A 123 -23.59 9.04 -37.16
C LEU A 123 -23.08 10.41 -37.67
N GLY A 124 -22.98 10.56 -38.99
CA GLY A 124 -22.53 11.80 -39.60
C GLY A 124 -21.05 12.12 -39.49
N PHE A 125 -20.23 11.08 -39.44
CA PHE A 125 -18.78 11.17 -39.44
C PHE A 125 -18.24 11.05 -40.87
N GLU A 126 -17.31 11.93 -41.25
CA GLU A 126 -16.52 11.68 -42.47
C GLU A 126 -15.74 10.36 -42.27
N ILE A 127 -15.83 9.45 -43.24
CA ILE A 127 -15.03 8.23 -43.15
C ILE A 127 -13.96 8.26 -44.23
N THR A 128 -12.76 7.83 -43.84
CA THR A 128 -11.66 7.81 -44.78
C THR A 128 -10.69 6.65 -44.54
N THR A 129 -9.77 6.51 -45.48
CA THR A 129 -8.78 5.46 -45.46
C THR A 129 -7.40 6.04 -45.21
N ASP A 130 -7.28 7.35 -45.43
CA ASP A 130 -6.00 8.05 -45.46
C ASP A 130 -5.84 8.81 -44.15
N ASP A 131 -4.88 8.41 -43.33
CA ASP A 131 -4.66 9.08 -42.05
C ASP A 131 -4.22 10.53 -42.30
N ARG A 132 -3.40 10.73 -43.33
CA ARG A 132 -2.82 12.03 -43.65
C ARG A 132 -3.89 13.08 -43.90
N GLU A 133 -5.00 12.68 -44.52
CA GLU A 133 -6.06 13.61 -44.87
C GLU A 133 -6.97 13.81 -43.67
N ALA A 134 -7.04 12.79 -42.81
CA ALA A 134 -7.87 12.94 -41.60
C ALA A 134 -7.26 14.00 -40.70
N VAL A 135 -5.94 13.98 -40.53
CA VAL A 135 -5.31 14.92 -39.60
C VAL A 135 -5.17 16.35 -40.16
N ALA A 136 -5.20 16.52 -41.48
CA ALA A 136 -5.05 17.86 -42.05
C ALA A 136 -6.06 18.78 -41.35
N ASP A 137 -5.50 19.77 -40.64
CA ASP A 137 -6.24 20.81 -39.94
C ASP A 137 -6.96 20.39 -38.67
N ALA A 138 -6.63 19.20 -38.18
CA ALA A 138 -7.24 18.65 -36.99
C ALA A 138 -6.65 19.25 -35.72
N ASP A 139 -7.50 19.64 -34.79
CA ASP A 139 -7.01 20.22 -33.55
C ASP A 139 -6.85 19.21 -32.42
N PHE A 140 -7.60 18.10 -32.55
CA PHE A 140 -7.68 17.00 -31.58
C PHE A 140 -7.52 15.73 -32.41
N ILE A 141 -6.40 15.04 -32.24
CA ILE A 141 -6.19 13.72 -32.87
C ILE A 141 -6.20 12.61 -31.81
N MET A 142 -7.24 11.79 -31.90
CA MET A 142 -7.44 10.65 -31.05
C MET A 142 -6.88 9.37 -31.71
N THR A 143 -5.76 8.87 -31.23
CA THR A 143 -5.23 7.63 -31.78
C THR A 143 -5.71 6.41 -30.99
N TRP A 144 -5.93 5.31 -31.71
CA TRP A 144 -6.42 4.07 -31.14
C TRP A 144 -5.79 2.96 -31.94
N PHE A 145 -4.51 2.75 -31.71
CA PHE A 145 -3.71 1.90 -32.56
C PHE A 145 -3.40 0.61 -31.82
N PRO A 146 -3.13 -0.49 -32.54
CA PRO A 146 -2.72 -1.77 -31.91
C PRO A 146 -1.41 -1.68 -31.07
N LYS A 147 -1.27 -2.61 -30.12
CA LYS A 147 -0.12 -2.67 -29.20
C LYS A 147 1.15 -3.14 -29.93
N GLY A 148 2.32 -2.71 -29.44
CA GLY A 148 3.60 -3.07 -29.99
C GLY A 148 4.17 -2.16 -31.08
N ASP A 149 4.96 -2.76 -31.97
CA ASP A 149 5.95 -2.08 -32.81
C ASP A 149 5.42 -1.33 -34.03
N MET A 150 4.14 -1.50 -34.35
CA MET A 150 3.52 -0.82 -35.49
C MET A 150 3.17 0.67 -35.28
N GLN A 151 3.05 1.10 -34.03
CA GLN A 151 2.59 2.48 -33.78
C GLN A 151 3.52 3.57 -34.35
N PRO A 152 4.84 3.46 -34.20
CA PRO A 152 5.73 4.44 -34.87
C PRO A 152 5.62 4.44 -36.40
N ASP A 153 5.44 3.26 -36.99
CA ASP A 153 5.22 3.10 -38.42
C ASP A 153 3.89 3.73 -38.87
N ILE A 154 2.83 3.47 -38.14
CA ILE A 154 1.56 4.14 -38.41
C ILE A 154 1.70 5.68 -38.33
N ILE A 155 2.41 6.14 -37.31
CA ILE A 155 2.47 7.56 -36.95
C ILE A 155 3.36 8.41 -37.84
N ASN A 156 4.53 7.91 -38.21
CA ASN A 156 5.49 8.64 -39.09
C ASN A 156 4.94 8.88 -40.49
N LYS A 157 3.95 8.07 -40.85
CA LYS A 157 3.19 8.24 -42.08
C LYS A 157 2.47 9.59 -42.16
N PHE A 158 2.01 10.10 -41.02
CA PHE A 158 1.20 11.33 -41.05
C PHE A 158 1.73 12.47 -40.18
N ILE A 159 2.75 12.17 -39.39
CA ILE A 159 3.31 13.09 -38.41
C ILE A 159 3.52 14.53 -38.94
N ASP A 160 4.08 14.67 -40.14
CA ASP A 160 4.37 15.98 -40.76
C ASP A 160 3.11 16.73 -41.25
N ASP A 161 1.96 16.08 -41.15
CA ASP A 161 0.69 16.66 -41.55
C ASP A 161 -0.07 17.21 -40.35
N ILE A 162 0.42 16.89 -39.15
CA ILE A 162 -0.22 17.33 -37.93
C ILE A 162 0.05 18.81 -37.74
N LYS A 163 -1.00 19.61 -37.63
CA LYS A 163 -0.82 21.05 -37.46
C LYS A 163 -0.17 21.41 -36.09
N PRO A 164 0.72 22.40 -36.07
CA PRO A 164 1.35 22.79 -34.81
C PRO A 164 0.33 23.12 -33.73
N GLY A 165 0.61 22.69 -32.50
CA GLY A 165 -0.25 23.01 -31.37
C GLY A 165 -1.30 21.94 -31.10
N ALA A 166 -1.54 21.06 -32.08
CA ALA A 166 -2.64 20.08 -32.00
C ALA A 166 -2.58 19.28 -30.70
N ILE A 167 -3.75 18.87 -30.22
CA ILE A 167 -3.79 17.88 -29.19
C ILE A 167 -3.84 16.48 -29.81
N VAL A 168 -2.89 15.65 -29.36
CA VAL A 168 -2.73 14.29 -29.91
C VAL A 168 -2.80 13.27 -28.76
N THR A 169 -3.75 12.35 -28.82
CA THR A 169 -4.00 11.44 -27.68
C THR A 169 -3.76 9.95 -28.00
N HIS A 170 -3.50 9.22 -26.92
CA HIS A 170 -3.36 7.78 -27.00
C HIS A 170 -4.30 7.15 -25.96
N ALA A 171 -4.46 5.83 -26.05
CA ALA A 171 -5.30 5.08 -25.15
C ALA A 171 -4.49 3.87 -24.61
N CYS A 172 -5.09 2.71 -24.48
CA CYS A 172 -4.52 1.74 -23.58
C CYS A 172 -3.40 0.94 -24.24
N THR A 173 -3.32 1.00 -25.55
CA THR A 173 -2.35 0.19 -26.25
C THR A 173 -0.89 0.71 -26.18
N ILE A 174 -0.65 1.89 -25.60
CA ILE A 174 0.73 2.38 -25.45
C ILE A 174 0.95 3.26 -24.18
N PRO A 175 2.08 3.16 -23.50
CA PRO A 175 2.34 4.12 -22.40
C PRO A 175 2.66 5.49 -23.00
N THR A 176 2.27 6.56 -22.29
CA THR A 176 2.51 7.95 -22.74
C THR A 176 3.96 8.27 -23.09
N THR A 177 4.91 7.87 -22.24
CA THR A 177 6.29 8.21 -22.52
C THR A 177 6.73 7.49 -23.82
N LYS A 178 6.22 6.28 -24.07
CA LYS A 178 6.53 5.59 -25.34
C LYS A 178 5.93 6.29 -26.59
N PHE A 179 4.67 6.68 -26.46
CA PHE A 179 3.97 7.52 -27.41
C PHE A 179 4.71 8.83 -27.64
N TYR A 180 5.16 9.48 -26.56
CA TYR A 180 5.80 10.74 -26.73
C TYR A 180 7.10 10.64 -27.51
N LYS A 181 7.92 9.61 -27.24
CA LYS A 181 9.21 9.39 -27.93
C LYS A 181 9.09 9.25 -29.44
N ILE A 182 7.90 8.93 -29.93
CA ILE A 182 7.68 8.77 -31.34
C ILE A 182 7.68 10.14 -32.00
N PHE A 183 6.95 11.07 -31.38
CA PHE A 183 6.92 12.48 -31.81
C PHE A 183 8.24 13.14 -31.60
N GLU A 184 8.85 12.86 -30.46
CA GLU A 184 10.20 13.32 -30.17
C GLU A 184 11.21 12.94 -31.27
N GLN A 185 11.09 11.73 -31.87
CA GLN A 185 12.01 11.32 -32.96
C GLN A 185 12.04 12.33 -34.08
N LYS A 186 11.10 13.25 -34.06
CA LYS A 186 10.91 14.18 -35.17
C LYS A 186 11.18 15.63 -34.78
N HIS A 187 11.57 15.87 -33.52
CA HIS A 187 11.98 17.22 -33.10
C HIS A 187 13.17 17.65 -33.92
N GLY A 188 13.14 18.86 -34.46
CA GLY A 188 14.29 19.40 -35.20
C GLY A 188 13.90 20.02 -36.52
N ASP A 189 12.89 19.43 -37.15
CA ASP A 189 12.24 20.00 -38.31
C ASP A 189 11.61 21.35 -37.97
N LEU A 190 11.89 22.34 -38.80
CA LEU A 190 11.35 23.69 -38.57
C LEU A 190 10.04 23.99 -39.31
N VAL A 191 9.61 23.09 -40.20
CA VAL A 191 8.38 23.29 -40.97
C VAL A 191 7.20 22.74 -40.20
N THR A 192 7.44 21.70 -39.40
CA THR A 192 6.36 21.05 -38.67
C THR A 192 6.32 21.42 -37.21
N LYS A 193 7.47 21.75 -36.64
CA LYS A 193 7.66 21.85 -35.18
C LYS A 193 6.76 20.93 -34.33
N PRO A 194 6.99 19.61 -34.38
CA PRO A 194 6.23 18.71 -33.51
C PRO A 194 6.53 18.93 -32.03
N GLU A 195 7.59 19.68 -31.72
CA GLU A 195 7.86 20.15 -30.34
C GLU A 195 6.71 20.96 -29.73
N THR A 196 5.79 21.46 -30.56
CA THR A 196 4.64 22.30 -30.12
C THR A 196 3.39 21.45 -29.86
N LEU A 197 3.47 20.16 -30.17
CA LEU A 197 2.31 19.30 -30.04
C LEU A 197 2.02 19.05 -28.58
N ASN A 198 0.73 18.91 -28.27
CA ASN A 198 0.29 18.61 -26.95
C ASN A 198 -0.09 17.13 -26.89
N VAL A 199 0.85 16.34 -26.38
CA VAL A 199 0.71 14.91 -26.26
C VAL A 199 0.10 14.52 -24.91
N THR A 200 -0.90 13.66 -24.96
CA THR A 200 -1.54 13.23 -23.73
C THR A 200 -2.39 11.98 -23.97
N SER A 201 -3.32 11.71 -23.07
CA SER A 201 -4.14 10.50 -23.23
C SER A 201 -5.61 10.79 -23.23
N TYR A 202 -6.40 9.85 -23.76
CA TYR A 202 -7.86 9.95 -23.69
C TYR A 202 -8.28 8.52 -23.48
N HIS A 203 -7.91 8.03 -22.31
CA HIS A 203 -7.86 6.61 -22.03
C HIS A 203 -9.15 6.29 -21.26
N PRO A 204 -9.94 5.35 -21.75
CA PRO A 204 -11.23 5.08 -21.11
C PRO A 204 -11.10 4.24 -19.84
N GLY A 205 -9.97 3.59 -19.66
CA GLY A 205 -9.77 2.82 -18.46
C GLY A 205 -10.67 1.58 -18.37
N ALA A 206 -11.13 1.09 -19.54
CA ALA A 206 -12.21 0.11 -19.67
C ALA A 206 -12.81 0.30 -21.08
N VAL A 207 -13.58 -0.64 -21.60
CA VAL A 207 -14.22 -0.41 -22.89
C VAL A 207 -15.18 0.75 -22.72
N PRO A 208 -15.03 1.77 -23.56
CA PRO A 208 -15.79 3.03 -23.41
C PRO A 208 -17.32 2.82 -23.49
N GLU A 209 -17.78 1.82 -24.24
CA GLU A 209 -19.23 1.64 -24.40
C GLU A 209 -19.88 1.17 -23.09
N MET A 210 -19.06 0.70 -22.15
CA MET A 210 -19.52 0.19 -20.87
C MET A 210 -19.46 1.28 -19.82
N LYS A 211 -18.42 2.12 -19.87
CA LYS A 211 -18.22 3.07 -18.80
C LYS A 211 -17.96 4.50 -19.23
N GLY A 212 -18.62 5.44 -18.59
CA GLY A 212 -18.36 6.85 -18.82
C GLY A 212 -17.26 7.35 -17.90
N GLN A 213 -16.03 7.38 -18.43
CA GLN A 213 -14.88 7.79 -17.67
C GLN A 213 -13.74 8.03 -18.66
N VAL A 214 -12.87 8.98 -18.36
CA VAL A 214 -11.68 9.14 -19.20
C VAL A 214 -10.51 9.61 -18.37
N TYR A 215 -9.32 9.22 -18.79
CA TYR A 215 -8.14 9.39 -18.01
C TYR A 215 -7.12 10.14 -18.85
N ILE A 216 -6.72 11.30 -18.34
CA ILE A 216 -5.93 12.30 -19.09
C ILE A 216 -4.52 12.50 -18.51
N ALA A 217 -3.49 12.03 -19.21
CA ALA A 217 -2.15 12.01 -18.61
C ALA A 217 -1.46 13.38 -18.70
N GLU A 218 -0.99 13.81 -17.54
CA GLU A 218 -0.22 15.05 -17.46
C GLU A 218 1.28 14.78 -17.52
N GLY A 219 2.02 15.75 -18.07
CA GLY A 219 3.46 15.73 -18.11
C GLY A 219 4.08 16.10 -19.47
N TYR A 220 3.28 16.20 -20.53
CA TYR A 220 3.82 16.48 -21.85
C TYR A 220 3.03 17.56 -22.55
N ALA A 221 1.73 17.61 -22.33
CA ALA A 221 0.93 18.66 -22.95
C ALA A 221 1.06 19.93 -22.10
N SER A 222 0.66 21.08 -22.63
CA SER A 222 0.50 22.29 -21.82
C SER A 222 -0.72 22.23 -20.92
N GLU A 223 -0.63 22.98 -19.83
CA GLU A 223 -1.74 23.28 -18.94
C GLU A 223 -3.03 23.55 -19.73
N ASP A 224 -2.97 24.46 -20.69
CA ASP A 224 -4.16 24.81 -21.49
C ASP A 224 -4.70 23.61 -22.25
N ALA A 225 -3.79 22.86 -22.84
CA ALA A 225 -4.21 21.74 -23.62
C ALA A 225 -4.90 20.76 -22.71
N ILE A 226 -4.36 20.50 -21.51
CA ILE A 226 -5.04 19.47 -20.71
C ILE A 226 -6.32 20.00 -20.06
N GLU A 227 -6.40 21.32 -19.79
CA GLU A 227 -7.64 21.90 -19.28
C GLU A 227 -8.73 21.72 -20.33
N THR A 228 -8.38 22.00 -21.59
CA THR A 228 -9.28 21.77 -22.74
C THR A 228 -9.79 20.33 -22.85
N LEU A 229 -8.90 19.36 -22.76
CA LEU A 229 -9.32 17.97 -22.90
C LEU A 229 -10.17 17.56 -21.72
N PHE A 230 -9.82 18.07 -20.54
CA PHE A 230 -10.55 17.73 -19.32
C PHE A 230 -11.98 18.22 -19.36
N GLU A 231 -12.22 19.45 -19.84
CA GLU A 231 -13.60 19.94 -20.03
C GLU A 231 -14.32 19.12 -21.08
N LEU A 232 -13.66 18.89 -22.21
CA LEU A 232 -14.28 18.12 -23.27
C LEU A 232 -14.67 16.74 -22.73
N GLY A 233 -13.76 16.08 -22.02
CA GLY A 233 -13.96 14.74 -21.48
C GLY A 233 -15.01 14.64 -20.40
N GLN A 234 -15.01 15.58 -19.46
CA GLN A 234 -16.08 15.70 -18.47
C GLN A 234 -17.44 15.65 -19.16
N LYS A 235 -17.69 16.62 -20.04
CA LYS A 235 -18.88 16.65 -20.91
C LYS A 235 -19.18 15.36 -21.72
N ALA A 236 -18.21 14.90 -22.51
CA ALA A 236 -18.48 13.77 -23.38
C ALA A 236 -18.62 12.46 -22.61
N ARG A 237 -17.80 12.26 -21.59
CA ARG A 237 -17.62 10.94 -20.97
C ARG A 237 -18.34 10.91 -19.64
N GLY A 238 -18.62 12.07 -19.06
CA GLY A 238 -19.35 12.10 -17.80
C GLY A 238 -18.45 12.21 -16.59
N ASN A 239 -17.28 11.60 -16.63
CA ASN A 239 -16.36 11.49 -15.49
C ASN A 239 -14.94 11.61 -16.11
N ALA A 240 -14.21 12.66 -15.78
CA ALA A 240 -12.87 12.78 -16.31
C ALA A 240 -11.87 12.82 -15.17
N TYR A 241 -10.68 12.27 -15.41
CA TYR A 241 -9.62 12.32 -14.43
C TYR A 241 -8.30 12.76 -15.07
N ARG A 242 -7.72 13.76 -14.43
CA ARG A 242 -6.58 14.48 -14.88
C ARG A 242 -5.51 13.97 -13.92
N LEU A 243 -4.50 13.26 -14.40
CA LEU A 243 -3.52 12.63 -13.50
C LEU A 243 -2.16 12.56 -14.17
N PRO A 244 -1.09 12.43 -13.40
CA PRO A 244 0.27 12.42 -14.01
C PRO A 244 0.51 11.19 -14.92
N ALA A 245 1.15 11.39 -16.08
CA ALA A 245 1.53 10.28 -16.99
C ALA A 245 2.07 9.06 -16.27
N GLU A 246 2.88 9.29 -15.21
CA GLU A 246 3.49 8.17 -14.47
C GLU A 246 2.50 7.36 -13.65
N LEU A 247 1.27 7.85 -13.44
CA LEU A 247 0.22 7.03 -12.78
C LEU A 247 -0.82 6.38 -13.74
N LEU A 248 -0.78 6.75 -15.02
CA LEU A 248 -1.64 6.10 -16.01
C LEU A 248 -1.72 4.53 -15.89
N GLY A 249 -0.63 3.80 -16.15
CA GLY A 249 -0.65 2.35 -15.93
C GLY A 249 -1.00 1.92 -14.49
N PRO A 250 -0.38 2.54 -13.47
CA PRO A 250 -0.71 2.15 -12.10
C PRO A 250 -2.19 2.23 -11.83
N VAL A 251 -2.88 3.16 -12.49
CA VAL A 251 -4.29 3.44 -12.20
C VAL A 251 -5.15 2.64 -13.14
N CYS A 252 -4.72 2.51 -14.39
CA CYS A 252 -5.57 1.89 -15.43
C CYS A 252 -5.28 0.40 -15.72
N ASP A 253 -4.05 -0.03 -15.50
CA ASP A 253 -3.68 -1.39 -15.82
C ASP A 253 -4.17 -2.27 -14.71
N MET A 254 -3.83 -3.55 -14.77
CA MET A 254 -4.46 -4.47 -13.88
C MET A 254 -3.83 -4.43 -12.50
N CYS A 255 -2.81 -3.60 -12.34
CA CYS A 255 -2.35 -3.27 -10.99
C CYS A 255 -3.25 -2.28 -10.26
N SER A 256 -4.32 -1.85 -10.90
CA SER A 256 -5.14 -0.81 -10.32
C SER A 256 -5.63 -1.22 -8.97
N ALA A 257 -5.93 -2.52 -8.79
CA ALA A 257 -6.40 -2.99 -7.53
C ALA A 257 -5.40 -2.70 -6.41
N LEU A 258 -4.10 -2.87 -6.68
CA LEU A 258 -3.11 -2.62 -5.64
C LEU A 258 -2.98 -1.12 -5.42
N THR A 259 -2.95 -0.37 -6.52
CA THR A 259 -2.94 1.09 -6.40
C THR A 259 -4.12 1.57 -5.53
N ALA A 260 -5.33 1.11 -5.80
CA ALA A 260 -6.50 1.51 -5.00
C ALA A 260 -6.33 1.16 -3.50
N ILE A 261 -5.83 -0.04 -3.23
CA ILE A 261 -5.77 -0.52 -1.88
C ILE A 261 -4.80 0.39 -1.12
N THR A 262 -3.60 0.54 -1.66
CA THR A 262 -2.62 1.27 -0.94
C THR A 262 -2.85 2.79 -0.86
N TYR A 263 -3.57 3.35 -1.82
CA TYR A 263 -3.90 4.77 -1.81
C TYR A 263 -4.96 5.03 -0.72
N ALA A 264 -5.92 4.13 -0.64
CA ALA A 264 -6.87 4.02 0.51
C ALA A 264 -6.12 3.88 1.83
N GLY A 265 -5.13 2.96 1.90
CA GLY A 265 -4.35 2.86 3.10
C GLY A 265 -3.80 4.23 3.44
N ILE A 266 -3.15 4.87 2.45
CA ILE A 266 -2.41 6.09 2.70
C ILE A 266 -3.32 7.19 3.24
N LEU A 267 -4.44 7.39 2.55
CA LEU A 267 -5.40 8.41 2.96
C LEU A 267 -5.92 8.11 4.36
N SER A 268 -6.28 6.86 4.62
CA SER A 268 -6.85 6.51 5.94
C SER A 268 -5.85 6.76 7.04
N TYR A 269 -4.65 6.18 6.85
CA TYR A 269 -3.56 6.31 7.78
C TYR A 269 -3.21 7.79 8.03
N ARG A 270 -3.05 8.57 6.95
CA ARG A 270 -2.76 10.00 7.08
C ARG A 270 -3.76 10.67 8.02
N ASP A 271 -5.04 10.49 7.73
CA ASP A 271 -6.11 11.16 8.47
C ASP A 271 -6.12 10.76 9.93
N SER A 272 -6.04 9.48 10.22
CA SER A 272 -6.08 9.08 11.62
C SER A 272 -4.94 9.73 12.39
N VAL A 273 -3.82 9.96 11.71
CA VAL A 273 -2.63 10.60 12.27
C VAL A 273 -2.86 12.10 12.46
N THR A 274 -3.22 12.81 11.39
CA THR A 274 -3.37 14.26 11.54
C THR A 274 -4.53 14.54 12.46
N GLN A 275 -5.67 13.92 12.19
CA GLN A 275 -6.90 14.34 12.85
C GLN A 275 -6.96 13.91 14.29
N VAL A 276 -6.47 12.70 14.59
CA VAL A 276 -6.56 12.27 15.97
C VAL A 276 -5.30 12.37 16.85
N LEU A 277 -4.12 12.46 16.24
CA LEU A 277 -2.87 12.74 16.99
C LEU A 277 -2.35 14.18 16.86
N GLY A 278 -3.00 14.99 16.03
CA GLY A 278 -2.70 16.42 15.90
C GLY A 278 -1.39 16.81 15.23
N ALA A 279 -0.73 15.84 14.62
CA ALA A 279 0.59 16.00 14.00
C ALA A 279 0.51 16.81 12.69
N PRO A 280 1.59 17.43 12.22
CA PRO A 280 1.55 17.95 10.85
C PRO A 280 1.68 16.79 9.84
N ALA A 281 1.12 17.00 8.67
CA ALA A 281 1.17 16.05 7.58
C ALA A 281 2.55 15.45 7.28
N SER A 282 3.61 16.21 7.52
CA SER A 282 4.98 15.74 7.28
C SER A 282 5.37 14.57 8.18
N PHE A 283 4.87 14.60 9.42
CA PHE A 283 5.06 13.47 10.31
C PHE A 283 4.43 12.20 9.74
N ALA A 284 3.19 12.29 9.30
CA ALA A 284 2.56 11.13 8.65
C ALA A 284 3.35 10.69 7.40
N GLN A 285 3.75 11.66 6.56
CA GLN A 285 4.54 11.41 5.35
C GLN A 285 5.84 10.62 5.57
N MET A 286 6.61 11.05 6.55
CA MET A 286 7.88 10.43 6.90
C MET A 286 7.71 8.93 7.22
N MET A 287 6.77 8.61 8.11
CA MET A 287 6.39 7.24 8.44
C MET A 287 5.88 6.46 7.24
N ALA A 288 5.00 7.09 6.49
CA ALA A 288 4.45 6.43 5.33
C ALA A 288 5.55 6.09 4.32
N LYS A 289 6.51 7.00 4.10
CA LYS A 289 7.60 6.79 3.17
C LYS A 289 8.35 5.51 3.50
N GLU A 290 8.80 5.42 4.74
CA GLU A 290 9.56 4.27 5.24
C GLU A 290 8.77 2.97 5.12
N SER A 291 7.52 2.98 5.55
CA SER A 291 6.66 1.83 5.45
C SER A 291 6.51 1.35 3.98
N LEU A 292 6.10 2.24 3.06
CA LEU A 292 6.04 1.87 1.64
C LEU A 292 7.37 1.42 1.01
N GLU A 293 8.47 2.08 1.31
CA GLU A 293 9.68 1.70 0.63
C GLU A 293 10.13 0.35 1.15
N GLN A 294 9.90 0.10 2.43
CA GLN A 294 10.38 -1.13 3.02
C GLN A 294 9.54 -2.35 2.62
N ILE A 295 8.22 -2.21 2.55
CA ILE A 295 7.46 -3.38 2.10
C ILE A 295 7.80 -3.70 0.62
N THR A 296 7.94 -2.65 -0.18
CA THR A 296 8.31 -2.75 -1.58
C THR A 296 9.69 -3.36 -1.73
N ALA A 297 10.67 -2.85 -0.98
CA ALA A 297 12.05 -3.43 -1.00
C ALA A 297 12.07 -4.93 -0.54
N LEU A 298 11.19 -5.30 0.39
CA LEU A 298 11.13 -6.69 0.82
C LEU A 298 10.67 -7.59 -0.34
N MET A 299 9.64 -7.12 -1.06
CA MET A 299 9.05 -7.84 -2.15
C MET A 299 10.08 -8.03 -3.27
N GLU A 300 10.90 -7.01 -3.49
CA GLU A 300 11.93 -7.07 -4.52
C GLU A 300 13.09 -7.95 -4.14
N LYS A 301 13.39 -8.01 -2.85
CA LYS A 301 14.52 -8.78 -2.33
C LYS A 301 14.27 -10.31 -2.35
N VAL A 302 13.13 -10.73 -1.79
CA VAL A 302 12.89 -12.16 -1.68
C VAL A 302 11.93 -12.74 -2.75
N GLY A 303 11.22 -11.88 -3.46
CA GLY A 303 10.18 -12.36 -4.35
C GLY A 303 8.81 -12.23 -3.69
N ILE A 304 7.84 -11.75 -4.46
CA ILE A 304 6.46 -11.59 -3.98
C ILE A 304 5.87 -12.90 -3.40
N ASP A 305 6.30 -14.02 -3.96
CA ASP A 305 5.87 -15.33 -3.53
C ASP A 305 6.55 -15.76 -2.22
N LYS A 306 7.60 -15.08 -1.79
CA LYS A 306 8.32 -15.56 -0.58
C LYS A 306 8.27 -14.63 0.62
N MET A 307 7.37 -13.64 0.58
CA MET A 307 7.29 -12.60 1.61
C MET A 307 6.89 -13.16 2.96
N GLU A 308 5.87 -14.02 2.95
CA GLU A 308 5.40 -14.69 4.16
C GLU A 308 6.53 -15.46 4.91
N GLU A 309 7.43 -16.10 4.16
CA GLU A 309 8.57 -16.81 4.78
C GLU A 309 9.48 -15.85 5.56
N ASN A 310 9.45 -14.56 5.22
CA ASN A 310 10.33 -13.53 5.80
C ASN A 310 9.62 -12.56 6.77
N LEU A 311 8.35 -12.31 6.54
CA LEU A 311 7.60 -11.46 7.43
C LEU A 311 6.25 -12.10 7.61
N ASP A 312 6.15 -12.83 8.70
CA ASP A 312 4.92 -13.44 9.14
C ASP A 312 3.81 -12.41 9.14
N PRO A 313 2.82 -12.60 8.28
CA PRO A 313 1.70 -11.67 8.23
C PRO A 313 1.05 -11.44 9.61
N GLY A 314 1.16 -12.40 10.51
CA GLY A 314 0.66 -12.22 11.87
C GLY A 314 1.45 -11.23 12.71
N ALA A 315 2.65 -10.88 12.25
CA ALA A 315 3.49 -9.91 12.94
C ALA A 315 2.74 -8.59 13.07
N LEU A 316 1.88 -8.32 12.11
CA LEU A 316 1.16 -7.04 12.05
C LEU A 316 -0.09 -6.95 12.93
N LEU A 317 -0.62 -8.07 13.38
CA LEU A 317 -1.82 -8.05 14.18
C LEU A 317 -1.63 -7.48 15.58
N GLY A 318 -0.40 -7.50 16.06
CA GLY A 318 -0.13 -7.18 17.47
C GLY A 318 0.36 -5.77 17.62
N THR A 319 0.63 -5.14 16.49
CA THR A 319 1.17 -3.77 16.45
C THR A 319 0.16 -2.82 15.85
N ALA A 320 -0.38 -3.17 14.69
CA ALA A 320 -1.34 -2.32 13.97
C ALA A 320 -2.67 -2.17 14.70
N ASP A 321 -3.02 -3.12 15.58
CA ASP A 321 -4.32 -3.08 16.23
C ASP A 321 -4.47 -1.88 17.17
N SER A 322 -3.34 -1.33 17.61
CA SER A 322 -3.38 -0.18 18.48
C SER A 322 -3.42 1.11 17.65
N MET A 323 -3.41 0.93 16.32
CA MET A 323 -3.67 2.02 15.40
C MET A 323 -5.08 1.96 14.84
N ASN A 324 -5.90 1.12 15.43
CA ASN A 324 -7.20 0.84 14.87
C ASN A 324 -8.22 1.86 15.36
N PHE A 325 -8.00 3.14 15.04
CA PHE A 325 -8.92 4.24 15.43
C PHE A 325 -9.01 5.22 14.23
N GLY A 326 -9.91 6.21 14.30
CA GLY A 326 -10.12 7.19 13.23
C GLY A 326 -10.34 6.62 11.82
N ALA A 327 -9.93 7.36 10.78
CA ALA A 327 -10.18 6.89 9.41
C ALA A 327 -9.72 5.43 9.22
N SER A 328 -8.50 5.12 9.69
CA SER A 328 -7.95 3.76 9.63
C SER A 328 -8.91 2.65 10.11
N ALA A 329 -9.73 2.93 11.12
CA ALA A 329 -10.75 1.95 11.58
C ALA A 329 -11.76 1.55 10.51
N GLU A 330 -11.80 2.24 9.38
CA GLU A 330 -12.66 1.84 8.28
C GLU A 330 -12.07 0.67 7.52
N ILE A 331 -10.74 0.60 7.50
CA ILE A 331 -10.10 -0.42 6.70
C ILE A 331 -9.46 -1.52 7.53
N LEU A 332 -8.96 -1.14 8.70
CA LEU A 332 -8.13 -2.04 9.51
C LEU A 332 -8.75 -3.41 9.87
N PRO A 333 -10.06 -3.48 10.21
CA PRO A 333 -10.69 -4.75 10.61
C PRO A 333 -10.74 -5.81 9.51
N THR A 334 -10.96 -5.36 8.28
CA THR A 334 -10.87 -6.25 7.11
C THR A 334 -9.44 -6.75 6.91
N VAL A 335 -8.49 -5.84 6.99
CA VAL A 335 -7.08 -6.17 6.95
C VAL A 335 -6.71 -7.23 7.99
N PHE A 336 -7.22 -7.05 9.23
CA PHE A 336 -6.99 -8.06 10.29
C PHE A 336 -7.55 -9.40 9.96
N GLU A 337 -8.72 -9.46 9.33
CA GLU A 337 -9.32 -10.74 8.89
C GLU A 337 -8.39 -11.48 7.92
N ILE A 338 -7.79 -10.72 6.98
CA ILE A 338 -6.91 -11.29 5.97
C ILE A 338 -5.62 -11.80 6.58
N LEU A 339 -5.00 -11.01 7.45
CA LEU A 339 -3.71 -11.39 8.02
C LEU A 339 -3.79 -12.57 8.96
N GLU A 340 -4.87 -12.61 9.74
CA GLU A 340 -5.18 -13.72 10.63
C GLU A 340 -5.30 -15.09 9.90
N LYS A 341 -6.01 -15.10 8.78
CA LYS A 341 -6.08 -16.24 7.89
C LYS A 341 -4.69 -16.63 7.38
N ARG A 342 -3.82 -15.66 7.20
CA ARG A 342 -2.57 -15.89 6.46
C ARG A 342 -1.31 -16.15 7.29
N LYS A 343 -1.41 -16.01 8.60
CA LYS A 343 -0.24 -16.09 9.51
C LYS A 343 0.39 -17.47 9.60
N LYS A 344 1.65 -17.49 10.02
CA LYS A 344 2.42 -18.73 10.14
C LYS A 344 2.06 -19.60 11.36
N MET B 1 21.61 -20.00 30.38
CA MET B 1 22.75 -19.04 30.31
C MET B 1 22.55 -17.85 31.25
N LYS B 2 23.28 -16.77 31.04
CA LYS B 2 23.18 -15.58 31.86
C LYS B 2 22.48 -14.47 31.08
N LEU B 3 21.40 -13.92 31.64
CA LEU B 3 20.71 -12.77 31.04
C LEU B 3 20.94 -11.50 31.83
N ALA B 4 21.58 -10.53 31.16
CA ALA B 4 21.80 -9.23 31.77
C ALA B 4 20.78 -8.24 31.26
N ILE B 5 19.85 -7.86 32.14
CA ILE B 5 18.81 -6.89 31.82
C ILE B 5 19.34 -5.51 32.18
N LEU B 6 19.43 -4.64 31.19
CA LEU B 6 20.00 -3.32 31.39
C LEU B 6 18.91 -2.25 31.22
N GLY B 7 18.32 -1.86 32.35
CA GLY B 7 17.23 -0.90 32.42
C GLY B 7 15.99 -1.62 32.92
N ALA B 8 15.40 -1.11 33.99
CA ALA B 8 14.20 -1.70 34.55
C ALA B 8 12.88 -1.16 33.97
N GLY B 9 12.93 -0.02 33.28
CA GLY B 9 11.72 0.68 32.83
C GLY B 9 10.96 1.42 33.91
N CYS B 10 10.15 2.41 33.49
CA CYS B 10 9.26 3.11 34.41
C CYS B 10 7.82 2.89 33.95
N TYR B 11 6.86 2.89 34.87
CA TYR B 11 5.50 2.70 34.43
C TYR B 11 4.85 3.98 33.91
N ARG B 12 5.33 5.15 34.36
CA ARG B 12 4.60 6.42 34.13
C ARG B 12 4.04 6.63 32.74
N THR B 13 4.78 6.25 31.71
CA THR B 13 4.32 6.47 30.32
C THR B 13 3.32 5.44 29.85
N HIS B 14 3.32 4.27 30.48
CA HIS B 14 2.27 3.31 30.19
C HIS B 14 0.95 3.84 30.78
N ALA B 15 1.00 4.35 32.02
CA ALA B 15 -0.19 4.90 32.68
C ALA B 15 -0.74 6.10 31.94
N ALA B 16 0.17 6.97 31.50
CA ALA B 16 -0.18 8.26 30.92
C ALA B 16 -0.90 8.12 29.59
N SER B 17 -0.57 7.07 28.86
CA SER B 17 -1.23 6.75 27.59
C SER B 17 -2.71 6.36 27.76
N GLY B 18 -3.06 5.85 28.93
CA GLY B 18 -4.43 5.50 29.23
C GLY B 18 -5.01 4.33 28.44
N ILE B 19 -4.21 3.63 27.63
CA ILE B 19 -4.74 2.43 26.91
C ILE B 19 -4.08 1.08 27.24
N THR B 20 -3.18 1.04 28.22
CA THR B 20 -2.53 -0.24 28.51
C THR B 20 -3.18 -0.98 29.66
N ASN B 21 -2.90 -2.28 29.75
CA ASN B 21 -3.22 -3.08 30.93
C ASN B 21 -2.14 -4.12 31.20
N PHE B 22 -2.44 -5.02 32.12
CA PHE B 22 -1.50 -6.03 32.57
C PHE B 22 -1.84 -7.42 32.05
N SER B 23 -2.57 -7.46 30.94
CA SER B 23 -3.20 -8.71 30.57
C SER B 23 -2.20 -9.84 30.21
N ARG B 24 -0.99 -9.52 29.76
CA ARG B 24 -0.04 -10.63 29.60
C ARG B 24 0.58 -10.99 30.92
N ALA B 25 1.05 -9.98 31.63
CA ALA B 25 1.67 -10.20 32.92
C ALA B 25 0.76 -11.08 33.77
N CYS B 26 -0.54 -10.86 33.66
CA CYS B 26 -1.49 -11.67 34.42
C CYS B 26 -1.46 -13.11 33.93
N GLU B 27 -1.55 -13.28 32.62
CA GLU B 27 -1.55 -14.60 31.99
C GLU B 27 -0.43 -15.48 32.55
N VAL B 28 0.81 -14.98 32.55
CA VAL B 28 1.94 -15.78 32.98
C VAL B 28 1.94 -15.99 34.49
N ALA B 29 1.44 -15.01 35.24
CA ALA B 29 1.20 -15.20 36.68
C ALA B 29 0.41 -16.50 36.93
N GLU B 30 -0.67 -16.69 36.18
CA GLU B 30 -1.51 -17.87 36.36
C GLU B 30 -0.85 -19.15 35.84
N MET B 31 -0.06 -19.04 34.77
CA MET B 31 0.65 -20.21 34.23
C MET B 31 1.69 -20.77 35.19
N VAL B 32 2.26 -19.94 36.07
CA VAL B 32 3.31 -20.42 37.00
C VAL B 32 2.96 -20.21 38.47
N GLY B 33 1.72 -19.79 38.74
CA GLY B 33 1.24 -19.65 40.12
C GLY B 33 1.94 -18.63 41.01
N LYS B 34 2.56 -17.61 40.43
CA LYS B 34 3.16 -16.52 41.21
C LYS B 34 2.44 -15.20 40.93
N PRO B 35 1.48 -14.85 41.77
CA PRO B 35 0.60 -13.70 41.53
C PRO B 35 1.34 -12.36 41.38
N GLU B 36 2.56 -12.29 41.93
CA GLU B 36 3.35 -11.05 41.92
C GLU B 36 3.82 -10.68 40.51
N ILE B 37 3.80 -11.66 39.62
CA ILE B 37 4.13 -11.45 38.21
C ILE B 37 3.05 -10.62 37.53
N ALA B 38 1.85 -10.63 38.10
CA ALA B 38 0.70 -9.92 37.54
C ALA B 38 0.93 -8.43 37.32
N MET B 39 1.71 -7.81 38.18
CA MET B 39 1.89 -6.36 38.12
C MET B 39 3.32 -5.90 37.76
N THR B 40 4.08 -6.80 37.17
CA THR B 40 5.34 -6.42 36.53
C THR B 40 5.04 -5.59 35.27
N HIS B 41 6.02 -4.81 34.82
CA HIS B 41 5.92 -4.15 33.52
C HIS B 41 7.23 -4.21 32.79
N SER B 42 7.21 -3.76 31.55
CA SER B 42 8.45 -3.68 30.78
C SER B 42 9.35 -4.93 30.89
N THR B 43 10.61 -4.64 31.03
CA THR B 43 11.70 -5.55 31.11
C THR B 43 11.57 -6.51 32.29
N ILE B 44 10.87 -6.10 33.34
CA ILE B 44 10.64 -7.00 34.45
C ILE B 44 9.60 -8.07 34.08
N THR B 45 8.57 -7.71 33.31
CA THR B 45 7.58 -8.71 32.88
C THR B 45 8.29 -9.75 32.04
N MET B 46 9.06 -9.28 31.07
CA MET B 46 9.78 -10.15 30.13
C MET B 46 10.84 -11.01 30.79
N GLY B 47 11.43 -10.51 31.88
CA GLY B 47 12.43 -11.27 32.62
C GLY B 47 11.82 -12.43 33.39
N ALA B 48 10.62 -12.23 33.94
CA ALA B 48 9.88 -13.29 34.60
C ALA B 48 9.59 -14.41 33.61
N GLU B 49 9.26 -14.06 32.37
CA GLU B 49 8.96 -15.07 31.35
C GLU B 49 10.16 -15.91 31.02
N LEU B 50 11.32 -15.27 30.85
CA LEU B 50 12.52 -16.01 30.45
C LEU B 50 13.09 -16.88 31.58
N LYS B 51 12.87 -16.43 32.82
CA LYS B 51 13.27 -17.21 33.98
C LYS B 51 12.29 -18.37 34.17
N GLU B 52 10.99 -18.07 34.18
CA GLU B 52 9.97 -19.03 34.59
C GLU B 52 9.37 -19.89 33.48
N LEU B 53 9.61 -19.53 32.21
CA LEU B 53 9.02 -20.29 31.12
C LEU B 53 10.05 -20.82 30.15
N ALA B 54 11.15 -20.11 30.01
CA ALA B 54 12.20 -20.50 29.06
C ALA B 54 13.37 -21.15 29.78
N GLY B 55 13.30 -21.20 31.11
CA GLY B 55 14.32 -21.80 31.94
C GLY B 55 15.63 -21.05 31.91
N VAL B 56 15.58 -19.73 31.79
CA VAL B 56 16.77 -18.93 32.02
C VAL B 56 17.04 -18.91 33.54
N ASP B 57 17.97 -19.76 33.97
CA ASP B 57 18.26 -19.99 35.40
C ASP B 57 18.76 -18.73 36.18
N GLU B 58 19.38 -17.77 35.49
CA GLU B 58 20.11 -16.65 36.14
C GLU B 58 19.86 -15.25 35.56
N VAL B 59 19.30 -14.36 36.37
CA VAL B 59 18.99 -13.02 35.90
C VAL B 59 19.54 -11.88 36.79
N VAL B 60 20.24 -10.95 36.13
CA VAL B 60 20.65 -9.67 36.74
C VAL B 60 19.88 -8.55 36.07
N VAL B 61 19.27 -7.69 36.87
CA VAL B 61 18.81 -6.43 36.32
C VAL B 61 19.72 -5.29 36.81
N ALA B 62 20.32 -4.57 35.86
CA ALA B 62 21.10 -3.36 36.17
C ALA B 62 20.32 -2.08 35.83
N ASP B 63 20.47 -1.06 36.67
CA ASP B 63 19.80 0.22 36.49
C ASP B 63 20.30 1.14 37.59
N PRO B 64 20.79 2.34 37.26
CA PRO B 64 21.20 3.29 38.32
C PRO B 64 20.03 3.70 39.23
N VAL B 65 18.81 3.46 38.76
CA VAL B 65 17.60 3.80 39.49
C VAL B 65 17.48 3.13 40.85
N PHE B 66 18.08 1.95 41.03
CA PHE B 66 17.99 1.25 42.31
C PHE B 66 18.63 1.97 43.51
N ASP B 67 19.61 2.82 43.24
CA ASP B 67 20.29 3.54 44.30
C ASP B 67 19.56 4.86 44.58
N ASN B 68 18.58 5.18 43.73
CA ASN B 68 17.77 6.42 43.84
C ASN B 68 16.29 6.15 44.16
N GLN B 69 15.40 6.84 43.45
CA GLN B 69 13.98 6.83 43.76
C GLN B 69 13.18 5.75 43.00
N PHE B 70 13.47 4.51 43.39
CA PHE B 70 12.76 3.36 42.85
C PHE B 70 11.53 3.15 43.71
N THR B 71 10.38 3.62 43.22
CA THR B 71 9.15 3.54 44.02
C THR B 71 8.21 2.43 43.58
N VAL B 72 7.90 1.57 44.56
CA VAL B 72 6.97 0.46 44.41
C VAL B 72 5.64 0.89 45.02
N ILE B 73 4.65 1.12 44.17
CA ILE B 73 3.29 1.39 44.61
C ILE B 73 2.65 0.06 45.03
N ASP B 74 2.30 -0.04 46.31
CA ASP B 74 1.79 -1.27 46.90
C ASP B 74 0.27 -1.25 47.07
N ASP B 75 -0.33 -0.13 46.66
CA ASP B 75 -1.76 0.13 46.81
C ASP B 75 -2.57 -1.09 46.45
N PHE B 76 -2.34 -1.64 45.26
CA PHE B 76 -3.19 -2.69 44.70
C PHE B 76 -2.62 -4.09 44.93
N ALA B 77 -3.44 -4.94 45.54
CA ALA B 77 -3.11 -6.35 45.65
C ALA B 77 -3.20 -6.98 44.27
N TYR B 78 -2.22 -7.81 43.95
CA TYR B 78 -2.20 -8.52 42.69
C TYR B 78 -3.54 -9.19 42.37
N GLU B 79 -4.25 -9.62 43.43
CA GLU B 79 -5.48 -10.38 43.30
C GLU B 79 -6.64 -9.65 42.62
N ASP B 80 -6.87 -8.39 43.00
CA ASP B 80 -7.90 -7.61 42.32
C ASP B 80 -7.49 -7.38 40.86
N VAL B 81 -6.20 -7.14 40.63
CA VAL B 81 -5.70 -6.99 39.26
C VAL B 81 -5.96 -8.26 38.44
N ILE B 82 -5.47 -9.41 38.92
CA ILE B 82 -5.66 -10.69 38.23
C ILE B 82 -7.14 -10.88 37.93
N GLU B 83 -7.98 -10.76 38.95
CA GLU B 83 -9.43 -10.95 38.81
C GLU B 83 -10.05 -10.00 37.78
N ALA B 84 -9.66 -8.73 37.87
CA ALA B 84 -10.21 -7.69 37.01
C ALA B 84 -9.94 -8.03 35.55
N HIS B 85 -8.74 -8.52 35.28
CA HIS B 85 -8.34 -8.86 33.93
C HIS B 85 -9.04 -10.09 33.37
N LYS B 86 -9.43 -11.03 34.22
CA LYS B 86 -10.23 -12.17 33.76
C LYS B 86 -11.54 -11.73 33.10
N GLU B 87 -12.30 -10.84 33.75
CA GLU B 87 -13.49 -10.27 33.12
C GLU B 87 -13.18 -9.03 32.25
N ASP B 88 -13.00 -7.88 32.91
CA ASP B 88 -12.73 -6.61 32.21
C ASP B 88 -11.65 -5.77 32.92
N PRO B 89 -10.51 -5.51 32.25
CA PRO B 89 -9.39 -4.77 32.87
C PRO B 89 -9.71 -3.33 33.31
N GLU B 90 -10.73 -2.73 32.68
CA GLU B 90 -11.14 -1.34 32.92
C GLU B 90 -11.86 -1.11 34.24
N LYS B 91 -12.22 -2.20 34.92
CA LYS B 91 -12.79 -2.08 36.24
C LYS B 91 -11.74 -1.59 37.22
N ILE B 92 -10.47 -1.82 36.89
CA ILE B 92 -9.36 -1.42 37.77
C ILE B 92 -8.34 -0.43 37.14
N MET B 93 -8.07 -0.57 35.85
CA MET B 93 -7.02 0.22 35.20
C MET B 93 -7.06 1.73 35.49
N PRO B 94 -8.25 2.35 35.47
CA PRO B 94 -8.34 3.80 35.72
C PRO B 94 -7.74 4.31 37.04
N GLN B 95 -8.01 3.64 38.15
CA GLN B 95 -7.43 4.10 39.42
C GLN B 95 -5.93 3.85 39.48
N ILE B 96 -5.49 2.78 38.83
CA ILE B 96 -4.05 2.54 38.67
C ILE B 96 -3.41 3.68 37.86
N ARG B 97 -4.04 4.11 36.76
CA ARG B 97 -3.54 5.27 36.01
C ARG B 97 -3.62 6.54 36.83
N GLU B 98 -4.63 6.62 37.70
CA GLU B 98 -4.80 7.80 38.54
C GLU B 98 -3.66 7.87 39.55
N LYS B 99 -3.44 6.76 40.24
CA LYS B 99 -2.42 6.68 41.28
C LYS B 99 -1.02 6.89 40.70
N VAL B 100 -0.73 6.26 39.56
CA VAL B 100 0.56 6.40 38.89
C VAL B 100 0.75 7.85 38.48
N ASN B 101 -0.16 8.36 37.65
CA ASN B 101 -0.18 9.79 37.26
C ASN B 101 0.06 10.79 38.40
N GLU B 102 -0.60 10.58 39.53
CA GLU B 102 -0.42 11.47 40.66
C GLU B 102 1.03 11.39 41.11
N VAL B 103 1.38 10.30 41.78
CA VAL B 103 2.73 10.12 42.30
C VAL B 103 3.84 10.28 41.23
N ALA B 104 3.45 10.38 39.96
CA ALA B 104 4.42 10.58 38.87
C ALA B 104 4.56 12.02 38.40
N LYS B 105 3.59 12.87 38.73
CA LYS B 105 3.69 14.28 38.37
C LYS B 105 4.85 14.96 39.10
N GLU B 106 5.16 14.46 40.30
CA GLU B 106 6.17 15.03 41.18
C GLU B 106 7.50 14.23 41.22
N LEU B 107 7.52 13.05 40.61
CA LEU B 107 8.68 12.15 40.76
C LEU B 107 9.65 12.29 39.58
N PRO B 108 10.96 12.45 39.85
CA PRO B 108 11.96 12.61 38.78
C PRO B 108 11.87 11.56 37.67
N LYS B 109 12.21 11.96 36.45
CA LYS B 109 12.24 11.00 35.35
C LYS B 109 13.32 9.94 35.57
N PRO B 110 13.27 8.88 34.78
CA PRO B 110 14.25 7.82 34.93
C PRO B 110 15.69 8.13 34.47
N PRO B 111 16.56 8.22 35.47
CA PRO B 111 17.39 7.14 35.95
C PRO B 111 17.23 7.41 37.45
N GLU B 112 16.64 8.58 37.75
CA GLU B 112 16.51 9.10 39.11
C GLU B 112 15.24 8.67 39.82
N GLY B 113 14.17 8.51 39.05
CA GLY B 113 12.92 8.01 39.56
C GLY B 113 12.29 7.05 38.59
N ALA B 114 11.72 5.98 39.12
CA ALA B 114 11.09 4.93 38.32
C ALA B 114 9.94 4.34 39.14
N ILE B 115 8.82 4.07 38.49
CA ILE B 115 7.64 3.51 39.16
C ILE B 115 7.38 2.05 38.81
N HIS B 116 7.19 1.22 39.84
CA HIS B 116 6.87 -0.21 39.67
C HIS B 116 5.87 -0.68 40.72
N PHE B 117 5.33 -1.88 40.54
CA PHE B 117 4.38 -2.47 41.50
C PHE B 117 4.90 -3.77 42.11
N THR B 118 5.88 -4.39 41.46
CA THR B 118 6.62 -5.47 42.08
C THR B 118 8.12 -5.30 41.87
N HIS B 119 8.85 -5.31 42.98
CA HIS B 119 10.30 -5.20 42.96
C HIS B 119 10.94 -6.43 42.34
N PRO B 120 11.84 -6.24 41.36
CA PRO B 120 12.59 -7.36 40.77
C PRO B 120 13.20 -8.33 41.80
N GLU B 121 13.55 -7.80 42.97
CA GLU B 121 14.11 -8.58 44.08
C GLU B 121 13.22 -9.74 44.54
N ASP B 122 11.91 -9.49 44.54
CA ASP B 122 10.90 -10.46 44.94
C ASP B 122 10.77 -11.62 43.95
N LEU B 123 11.31 -11.45 42.75
CA LEU B 123 11.22 -12.45 41.69
C LEU B 123 12.45 -13.32 41.62
N GLY B 124 13.30 -13.21 42.64
CA GLY B 124 14.57 -13.94 42.67
C GLY B 124 15.48 -13.46 41.56
N PHE B 125 15.56 -12.14 41.43
CA PHE B 125 16.42 -11.50 40.45
C PHE B 125 17.57 -10.86 41.19
N GLU B 126 18.77 -10.91 40.61
CA GLU B 126 19.89 -10.16 41.12
C GLU B 126 19.73 -8.71 40.69
N ILE B 127 19.76 -7.80 41.66
CA ILE B 127 19.67 -6.37 41.38
C ILE B 127 21.05 -5.77 41.50
N THR B 128 21.37 -4.82 40.64
CA THR B 128 22.66 -4.14 40.71
C THR B 128 22.54 -2.72 40.15
N THR B 129 23.58 -1.92 40.39
CA THR B 129 23.62 -0.53 39.99
C THR B 129 24.71 -0.30 38.92
N ASP B 130 25.52 -1.33 38.70
CA ASP B 130 26.73 -1.30 37.87
C ASP B 130 26.52 -2.15 36.64
N ASP B 131 26.55 -1.52 35.46
CA ASP B 131 26.30 -2.22 34.19
C ASP B 131 27.40 -3.24 33.94
N ARG B 132 28.64 -2.79 34.10
CA ARG B 132 29.82 -3.60 33.85
C ARG B 132 29.80 -4.91 34.66
N GLU B 133 29.22 -4.85 35.85
CA GLU B 133 29.10 -6.03 36.71
C GLU B 133 28.00 -6.94 36.21
N ALA B 134 26.90 -6.34 35.78
CA ALA B 134 25.75 -7.09 35.27
C ALA B 134 26.08 -7.88 34.01
N VAL B 135 26.95 -7.32 33.16
CA VAL B 135 27.27 -7.97 31.89
C VAL B 135 28.42 -8.98 31.95
N ALA B 136 29.25 -8.93 33.00
CA ALA B 136 30.34 -9.91 33.14
C ALA B 136 29.83 -11.33 32.84
N ASP B 137 30.42 -11.93 31.81
CA ASP B 137 30.10 -13.32 31.37
C ASP B 137 28.63 -13.55 30.96
N ALA B 138 27.90 -12.46 30.73
CA ALA B 138 26.52 -12.53 30.30
C ALA B 138 26.43 -12.90 28.81
N ASP B 139 25.54 -13.83 28.51
CA ASP B 139 25.39 -14.38 27.16
C ASP B 139 24.35 -13.62 26.34
N PHE B 140 23.38 -13.01 27.05
CA PHE B 140 22.21 -12.33 26.51
C PHE B 140 22.04 -11.02 27.28
N ILE B 141 22.47 -9.93 26.67
CA ILE B 141 22.31 -8.61 27.23
C ILE B 141 21.08 -7.97 26.61
N MET B 142 20.05 -7.76 27.43
CA MET B 142 18.83 -7.06 27.02
C MET B 142 18.88 -5.59 27.44
N THR B 143 19.07 -4.69 26.48
CA THR B 143 19.10 -3.26 26.80
C THR B 143 17.71 -2.63 26.70
N TRP B 144 17.51 -1.57 27.47
CA TRP B 144 16.19 -0.96 27.63
C TRP B 144 16.50 0.47 28.01
N PHE B 145 17.22 1.14 27.15
CA PHE B 145 17.71 2.47 27.42
C PHE B 145 16.74 3.54 26.91
N PRO B 146 16.82 4.75 27.47
CA PRO B 146 15.97 5.84 27.00
C PRO B 146 16.32 6.22 25.58
N LYS B 147 15.37 6.86 24.88
CA LYS B 147 15.63 7.40 23.56
C LYS B 147 16.61 8.59 23.61
N GLY B 148 17.31 8.86 22.52
CA GLY B 148 18.23 9.98 22.45
C GLY B 148 19.69 9.57 22.32
N ASP B 149 20.56 10.53 22.65
CA ASP B 149 22.01 10.44 22.44
C ASP B 149 22.78 9.99 23.66
N MET B 150 22.06 9.50 24.68
CA MET B 150 22.73 8.87 25.83
C MET B 150 23.04 7.39 25.64
N GLN B 151 22.43 6.75 24.64
CA GLN B 151 22.60 5.30 24.42
C GLN B 151 24.08 4.90 24.14
N PRO B 152 24.77 5.58 23.22
CA PRO B 152 26.22 5.43 23.09
C PRO B 152 26.98 5.59 24.42
N ASP B 153 26.82 6.74 25.07
CA ASP B 153 27.44 7.02 26.38
C ASP B 153 27.21 5.89 27.39
N ILE B 154 25.98 5.38 27.44
CA ILE B 154 25.62 4.29 28.34
C ILE B 154 26.36 3.02 27.96
N ILE B 155 26.36 2.70 26.68
CA ILE B 155 27.01 1.51 26.16
C ILE B 155 28.54 1.55 26.21
N ASN B 156 29.14 2.70 25.95
CA ASN B 156 30.62 2.84 25.93
C ASN B 156 31.31 2.54 27.27
N LYS B 157 30.50 2.37 28.31
CA LYS B 157 30.97 2.06 29.66
C LYS B 157 31.31 0.59 29.82
N PHE B 158 30.47 -0.29 29.26
CA PHE B 158 30.61 -1.73 29.48
C PHE B 158 30.92 -2.54 28.22
N ILE B 159 31.01 -1.84 27.09
CA ILE B 159 31.29 -2.45 25.79
C ILE B 159 32.47 -3.43 25.87
N ASP B 160 33.54 -3.01 26.55
CA ASP B 160 34.74 -3.83 26.70
C ASP B 160 34.57 -4.96 27.72
N ASP B 161 33.41 -5.04 28.36
CA ASP B 161 33.12 -6.11 29.32
C ASP B 161 32.23 -7.18 28.72
N ILE B 162 31.58 -6.86 27.61
CA ILE B 162 30.65 -7.81 27.01
C ILE B 162 31.46 -8.96 26.44
N LYS B 163 31.11 -10.19 26.79
CA LYS B 163 31.87 -11.34 26.31
C LYS B 163 31.70 -11.56 24.79
N PRO B 164 32.73 -12.09 24.11
CA PRO B 164 32.62 -12.39 22.67
C PRO B 164 31.44 -13.29 22.25
N GLY B 165 30.82 -12.97 21.12
CA GLY B 165 29.68 -13.74 20.59
C GLY B 165 28.38 -13.55 21.33
N ALA B 166 28.35 -12.63 22.30
CA ALA B 166 27.15 -12.39 23.10
C ALA B 166 26.00 -11.87 22.22
N ILE B 167 24.79 -12.28 22.58
CA ILE B 167 23.56 -11.61 22.09
C ILE B 167 23.34 -10.26 22.82
N VAL B 168 23.16 -9.23 22.00
CA VAL B 168 22.94 -7.89 22.51
C VAL B 168 21.70 -7.38 21.79
N THR B 169 20.72 -6.94 22.57
CA THR B 169 19.42 -6.58 22.03
C THR B 169 19.00 -5.18 22.43
N HIS B 170 18.04 -4.66 21.66
CA HIS B 170 17.42 -3.38 21.87
C HIS B 170 15.90 -3.53 21.66
N ALA B 171 15.18 -2.52 22.13
CA ALA B 171 13.72 -2.42 22.05
C ALA B 171 13.37 -1.12 21.34
N CYS B 172 12.20 -0.57 21.64
CA CYS B 172 11.63 0.50 20.83
C CYS B 172 12.40 1.84 20.82
N THR B 173 13.40 1.96 21.68
CA THR B 173 14.01 3.28 21.84
C THR B 173 15.19 3.55 20.88
N ILE B 174 15.54 2.60 20.02
CA ILE B 174 16.58 2.84 19.02
C ILE B 174 16.32 1.92 17.85
N PRO B 175 16.55 2.38 16.62
CA PRO B 175 16.54 1.47 15.45
C PRO B 175 17.78 0.60 15.46
N THR B 176 17.67 -0.65 15.03
CA THR B 176 18.83 -1.54 14.94
C THR B 176 20.09 -0.94 14.30
N THR B 177 20.00 -0.32 13.12
CA THR B 177 21.21 0.25 12.45
C THR B 177 21.92 1.28 13.34
N LYS B 178 21.12 2.11 14.02
CA LYS B 178 21.67 3.10 14.93
C LYS B 178 22.31 2.43 16.15
N PHE B 179 21.68 1.34 16.61
CA PHE B 179 22.19 0.50 17.69
C PHE B 179 23.53 -0.09 17.23
N TYR B 180 23.52 -0.72 16.06
CA TYR B 180 24.72 -1.35 15.49
C TYR B 180 25.93 -0.39 15.44
N LYS B 181 25.76 0.74 14.76
CA LYS B 181 26.78 1.81 14.67
C LYS B 181 27.54 2.20 15.95
N ILE B 182 26.92 2.05 17.13
CA ILE B 182 27.59 2.26 18.43
C ILE B 182 28.69 1.20 18.68
N PHE B 183 28.38 -0.06 18.36
CA PHE B 183 29.34 -1.15 18.48
C PHE B 183 30.33 -1.08 17.33
N GLU B 184 29.84 -0.64 16.17
CA GLU B 184 30.72 -0.30 15.06
C GLU B 184 31.96 0.47 15.54
N GLN B 185 31.75 1.51 16.33
CA GLN B 185 32.83 2.42 16.75
C GLN B 185 34.00 1.76 17.48
N LYS B 186 33.93 0.45 17.68
CA LYS B 186 35.01 -0.25 18.37
C LYS B 186 35.63 -1.36 17.51
N HIS B 187 35.18 -1.44 16.25
CA HIS B 187 35.63 -2.46 15.29
C HIS B 187 37.08 -2.35 14.82
N GLY B 188 38.01 -2.15 15.75
CA GLY B 188 39.43 -2.19 15.40
C GLY B 188 40.15 -3.00 16.46
N ASP B 189 39.46 -3.23 17.58
CA ASP B 189 40.06 -3.81 18.77
C ASP B 189 40.21 -5.32 18.73
N LEU B 190 41.46 -5.77 18.96
CA LEU B 190 41.83 -7.20 18.93
C LEU B 190 41.49 -7.88 20.27
N VAL B 191 41.41 -7.02 21.34
CA VAL B 191 41.18 -7.52 22.69
C VAL B 191 39.67 -7.58 22.98
N THR B 192 38.95 -6.53 22.64
CA THR B 192 37.51 -6.47 22.86
C THR B 192 36.83 -7.49 21.96
N LYS B 193 37.20 -7.47 20.68
CA LYS B 193 36.52 -8.21 19.61
C LYS B 193 34.99 -7.95 19.50
N PRO B 194 34.55 -6.68 19.34
CA PRO B 194 33.09 -6.42 19.16
C PRO B 194 32.52 -6.84 17.80
N GLU B 195 33.40 -7.00 16.81
CA GLU B 195 33.05 -7.59 15.54
C GLU B 195 32.27 -8.88 15.70
N THR B 196 32.48 -9.56 16.84
CA THR B 196 31.94 -10.91 17.12
C THR B 196 30.57 -10.91 17.81
N LEU B 197 30.07 -9.73 18.14
CA LEU B 197 28.80 -9.58 18.84
C LEU B 197 27.59 -9.82 17.92
N ASN B 198 26.57 -10.48 18.47
CA ASN B 198 25.29 -10.72 17.78
C ASN B 198 24.20 -9.68 18.18
N VAL B 199 24.30 -8.52 17.56
CA VAL B 199 23.34 -7.41 17.69
C VAL B 199 22.00 -7.70 17.00
N THR B 200 20.91 -7.60 17.77
CA THR B 200 19.55 -7.85 17.28
C THR B 200 18.54 -7.06 18.15
N SER B 201 17.29 -7.50 18.23
CA SER B 201 16.29 -6.85 19.09
C SER B 201 15.42 -7.84 19.83
N TYR B 202 14.78 -7.35 20.89
CA TYR B 202 13.81 -8.12 21.68
C TYR B 202 12.70 -7.11 21.96
N HIS B 203 12.08 -6.68 20.87
CA HIS B 203 11.14 -5.57 20.82
C HIS B 203 9.71 -6.09 21.02
N PRO B 204 8.99 -5.57 22.01
CA PRO B 204 7.69 -6.11 22.35
C PRO B 204 6.60 -5.68 21.38
N GLY B 205 6.78 -4.58 20.69
CA GLY B 205 5.75 -4.04 19.80
C GLY B 205 4.52 -3.54 20.54
N ALA B 206 4.64 -3.33 21.86
CA ALA B 206 3.57 -2.83 22.74
C ALA B 206 4.20 -2.87 24.15
N VAL B 207 3.50 -2.43 25.19
CA VAL B 207 4.06 -2.63 26.52
C VAL B 207 4.04 -4.14 26.81
N PRO B 208 5.17 -4.69 27.26
CA PRO B 208 5.30 -6.13 27.39
C PRO B 208 4.21 -6.76 28.26
N GLU B 209 3.77 -6.02 29.27
CA GLU B 209 2.89 -6.56 30.27
C GLU B 209 1.48 -6.73 29.72
N MET B 210 1.20 -6.10 28.58
CA MET B 210 -0.14 -6.18 28.02
C MET B 210 -0.31 -7.31 26.99
N LYS B 211 0.70 -7.49 26.15
CA LYS B 211 0.63 -8.47 25.05
C LYS B 211 1.83 -9.38 25.02
N GLY B 212 1.60 -10.66 24.74
CA GLY B 212 2.69 -11.64 24.58
C GLY B 212 3.20 -11.70 23.16
N GLN B 213 4.26 -10.95 22.87
CA GLN B 213 4.86 -10.92 21.53
C GLN B 213 6.26 -10.38 21.61
N VAL B 214 7.06 -10.74 20.63
CA VAL B 214 8.39 -10.17 20.51
C VAL B 214 8.83 -10.14 19.05
N TYR B 215 9.71 -9.19 18.76
CA TYR B 215 10.12 -8.91 17.42
C TYR B 215 11.63 -8.86 17.31
N ILE B 216 12.19 -9.69 16.44
CA ILE B 216 13.63 -9.96 16.40
C ILE B 216 14.29 -9.57 15.05
N ALA B 217 15.11 -8.53 15.06
CA ALA B 217 15.66 -7.99 13.82
C ALA B 217 16.80 -8.83 13.28
N GLU B 218 16.71 -9.16 12.00
CA GLU B 218 17.75 -9.92 11.30
C GLU B 218 18.58 -8.94 10.50
N GLY B 219 19.84 -9.30 10.27
CA GLY B 219 20.72 -8.44 9.48
C GLY B 219 22.11 -8.23 10.06
N TYR B 220 22.23 -8.34 11.38
CA TYR B 220 23.53 -8.15 12.02
C TYR B 220 23.97 -9.34 12.85
N ALA B 221 23.03 -10.15 13.32
CA ALA B 221 23.38 -11.30 14.12
C ALA B 221 23.67 -12.46 13.20
N SER B 222 24.29 -13.51 13.72
CA SER B 222 24.43 -14.75 12.98
C SER B 222 23.08 -15.49 12.99
N GLU B 223 22.94 -16.43 12.05
CA GLU B 223 21.71 -17.20 11.87
C GLU B 223 21.34 -18.02 13.12
N ASP B 224 22.32 -18.67 13.75
CA ASP B 224 22.09 -19.44 14.99
C ASP B 224 21.74 -18.55 16.17
N ALA B 225 22.40 -17.39 16.23
CA ALA B 225 22.10 -16.45 17.29
C ALA B 225 20.66 -15.98 17.18
N ILE B 226 20.19 -15.65 15.97
CA ILE B 226 18.78 -15.30 15.86
C ILE B 226 17.87 -16.51 16.10
N GLU B 227 18.25 -17.71 15.63
CA GLU B 227 17.47 -18.93 15.85
C GLU B 227 17.21 -19.11 17.34
N THR B 228 18.27 -19.16 18.15
CA THR B 228 18.12 -19.39 19.60
C THR B 228 17.34 -18.31 20.36
N LEU B 229 17.45 -17.05 19.92
CA LEU B 229 16.67 -15.97 20.49
C LEU B 229 15.19 -16.15 20.16
N PHE B 230 14.93 -16.67 18.97
CA PHE B 230 13.56 -16.97 18.51
C PHE B 230 12.94 -18.03 19.39
N GLU B 231 13.68 -19.13 19.63
CA GLU B 231 13.20 -20.20 20.52
C GLU B 231 12.87 -19.64 21.90
N LEU B 232 13.78 -18.84 22.45
CA LEU B 232 13.53 -18.24 23.76
C LEU B 232 12.28 -17.37 23.77
N GLY B 233 12.14 -16.52 22.77
CA GLY B 233 11.00 -15.60 22.68
C GLY B 233 9.70 -16.34 22.55
N GLN B 234 9.67 -17.29 21.63
CA GLN B 234 8.56 -18.20 21.46
C GLN B 234 7.96 -18.61 22.81
N LYS B 235 8.74 -19.37 23.58
CA LYS B 235 8.36 -19.83 24.94
C LYS B 235 8.10 -18.69 25.96
N ALA B 236 8.90 -17.64 25.92
CA ALA B 236 8.78 -16.57 26.91
C ALA B 236 7.58 -15.65 26.65
N ARG B 237 7.44 -15.19 25.40
CA ARG B 237 6.44 -14.19 25.04
C ARG B 237 5.13 -14.75 24.48
N GLY B 238 5.11 -16.02 24.09
CA GLY B 238 3.90 -16.58 23.48
C GLY B 238 3.87 -16.52 21.95
N ASN B 239 4.29 -15.40 21.38
CA ASN B 239 4.36 -15.18 19.94
C ASN B 239 5.67 -14.51 19.57
N ALA B 240 6.47 -15.12 18.68
CA ALA B 240 7.69 -14.47 18.21
C ALA B 240 7.69 -14.24 16.72
N TYR B 241 8.21 -13.10 16.31
CA TYR B 241 8.35 -12.85 14.88
C TYR B 241 9.74 -12.34 14.59
N ARG B 242 10.36 -13.03 13.64
CA ARG B 242 11.69 -12.75 13.23
C ARG B 242 11.57 -12.11 11.85
N LEU B 243 12.24 -10.96 11.68
CA LEU B 243 12.10 -10.14 10.47
C LEU B 243 13.34 -9.24 10.20
N PRO B 244 13.50 -8.80 8.96
CA PRO B 244 14.62 -7.91 8.68
C PRO B 244 14.55 -6.60 9.49
N ALA B 245 15.69 -6.12 9.94
CA ALA B 245 15.79 -4.90 10.73
C ALA B 245 15.19 -3.72 9.98
N GLU B 246 15.28 -3.73 8.66
CA GLU B 246 14.75 -2.63 7.89
C GLU B 246 13.23 -2.57 8.10
N LEU B 247 12.61 -3.69 8.48
CA LEU B 247 11.17 -3.73 8.67
C LEU B 247 10.73 -3.52 10.13
N LEU B 248 11.66 -3.57 11.09
CA LEU B 248 11.30 -3.36 12.51
C LEU B 248 10.38 -2.13 12.70
N GLY B 249 10.84 -0.93 12.33
CA GLY B 249 10.04 0.31 12.42
C GLY B 249 8.73 0.28 11.64
N PRO B 250 8.77 -0.09 10.37
CA PRO B 250 7.53 -0.18 9.60
C PRO B 250 6.47 -1.08 10.29
N VAL B 251 6.94 -2.06 11.05
CA VAL B 251 6.05 -3.07 11.64
C VAL B 251 5.61 -2.69 13.05
N CYS B 252 6.51 -2.17 13.87
CA CYS B 252 6.24 -1.90 15.30
C CYS B 252 5.79 -0.48 15.63
N ASP B 253 6.14 0.47 14.78
CA ASP B 253 5.88 1.87 15.05
C ASP B 253 4.51 2.33 14.54
N MET B 254 4.26 3.63 14.76
CA MET B 254 3.04 4.31 14.35
C MET B 254 2.53 3.93 12.94
N CYS B 255 3.46 3.65 12.04
CA CYS B 255 3.14 3.27 10.65
C CYS B 255 2.67 1.83 10.48
N SER B 256 2.76 1.01 11.52
CA SER B 256 2.24 -0.36 11.48
C SER B 256 0.93 -0.50 10.73
N ALA B 257 -0.01 0.41 10.96
CA ALA B 257 -1.28 0.38 10.22
C ALA B 257 -1.09 0.38 8.72
N LEU B 258 -0.20 1.21 8.21
CA LEU B 258 0.00 1.27 6.77
C LEU B 258 0.73 0.03 6.27
N THR B 259 1.74 -0.42 7.00
CA THR B 259 2.45 -1.62 6.61
C THR B 259 1.45 -2.75 6.56
N ALA B 260 0.56 -2.83 7.54
CA ALA B 260 -0.47 -3.87 7.50
C ALA B 260 -1.38 -3.77 6.30
N ILE B 261 -1.93 -2.57 6.02
CA ILE B 261 -2.88 -2.43 4.93
C ILE B 261 -2.20 -2.81 3.59
N THR B 262 -1.00 -2.31 3.37
CA THR B 262 -0.40 -2.55 2.11
C THR B 262 0.08 -4.00 1.98
N TYR B 263 0.49 -4.62 3.08
CA TYR B 263 1.01 -6.00 2.98
C TYR B 263 -0.17 -6.90 2.65
N ALA B 264 -1.31 -6.69 3.34
CA ALA B 264 -2.58 -7.35 2.98
C ALA B 264 -2.91 -7.20 1.49
N GLY B 265 -2.77 -5.97 1.00
CA GLY B 265 -3.04 -5.65 -0.40
C GLY B 265 -2.13 -6.48 -1.26
N ILE B 266 -0.82 -6.46 -0.97
CA ILE B 266 0.13 -7.16 -1.82
C ILE B 266 -0.21 -8.66 -1.93
N LEU B 267 -0.40 -9.31 -0.78
CA LEU B 267 -0.70 -10.75 -0.70
C LEU B 267 -1.97 -11.13 -1.45
N SER B 268 -3.05 -10.36 -1.25
CA SER B 268 -4.34 -10.64 -1.90
C SER B 268 -4.19 -10.49 -3.41
N TYR B 269 -3.49 -9.44 -3.81
CA TYR B 269 -3.32 -9.08 -5.20
C TYR B 269 -2.52 -10.14 -5.94
N ARG B 270 -1.35 -10.45 -5.42
CA ARG B 270 -0.57 -11.61 -5.89
C ARG B 270 -1.43 -12.85 -6.02
N ASP B 271 -2.19 -13.17 -4.97
CA ASP B 271 -2.90 -14.44 -4.99
C ASP B 271 -3.93 -14.45 -6.10
N SER B 272 -4.65 -13.34 -6.25
CA SER B 272 -5.66 -13.32 -7.28
C SER B 272 -5.06 -13.51 -8.70
N VAL B 273 -3.86 -12.97 -8.92
CA VAL B 273 -3.11 -13.12 -10.16
C VAL B 273 -2.59 -14.54 -10.41
N THR B 274 -1.93 -15.17 -9.44
CA THR B 274 -1.43 -16.54 -9.66
C THR B 274 -2.53 -17.59 -9.70
N GLN B 275 -3.49 -17.51 -8.77
CA GLN B 275 -4.52 -18.56 -8.65
C GLN B 275 -5.64 -18.38 -9.67
N VAL B 276 -6.02 -17.15 -9.97
CA VAL B 276 -7.12 -16.93 -10.92
C VAL B 276 -6.67 -16.69 -12.37
N LEU B 277 -5.77 -15.73 -12.60
CA LEU B 277 -5.18 -15.58 -13.95
C LEU B 277 -4.15 -16.65 -14.37
N GLY B 278 -3.57 -17.38 -13.43
CA GLY B 278 -2.63 -18.46 -13.77
C GLY B 278 -1.29 -18.00 -14.32
N ALA B 279 -0.92 -16.74 -14.05
CA ALA B 279 0.38 -16.17 -14.40
C ALA B 279 1.44 -16.50 -13.30
N PRO B 280 2.74 -16.55 -13.66
CA PRO B 280 3.78 -16.74 -12.62
C PRO B 280 3.79 -15.56 -11.65
N ALA B 281 4.25 -15.82 -10.43
CA ALA B 281 4.42 -14.79 -9.42
C ALA B 281 5.15 -13.53 -9.95
N SER B 282 6.21 -13.71 -10.73
CA SER B 282 6.96 -12.61 -11.36
C SER B 282 6.09 -11.58 -12.13
N PHE B 283 5.04 -12.04 -12.81
CA PHE B 283 4.07 -11.11 -13.40
C PHE B 283 3.39 -10.19 -12.38
N ALA B 284 2.88 -10.76 -11.29
CA ALA B 284 2.26 -9.95 -10.26
C ALA B 284 3.26 -8.98 -9.61
N GLN B 285 4.48 -9.47 -9.37
CA GLN B 285 5.56 -8.66 -8.73
C GLN B 285 5.92 -7.46 -9.60
N MET B 286 6.04 -7.67 -10.89
CA MET B 286 6.28 -6.61 -11.88
C MET B 286 5.21 -5.52 -11.82
N MET B 287 3.94 -5.89 -11.81
CA MET B 287 2.80 -4.94 -11.64
C MET B 287 2.86 -4.26 -10.29
N ALA B 288 3.07 -5.06 -9.27
CA ALA B 288 2.98 -4.56 -7.91
C ALA B 288 4.04 -3.47 -7.66
N LYS B 289 5.22 -3.66 -8.24
CA LYS B 289 6.34 -2.77 -8.05
C LYS B 289 6.03 -1.40 -8.62
N GLU B 290 5.51 -1.36 -9.85
CA GLU B 290 5.20 -0.10 -10.50
C GLU B 290 4.11 0.62 -9.73
N SER B 291 3.08 -0.10 -9.35
CA SER B 291 2.04 0.46 -8.50
C SER B 291 2.57 1.05 -7.16
N LEU B 292 3.32 0.24 -6.40
CA LEU B 292 3.88 0.72 -5.11
C LEU B 292 4.77 1.95 -5.28
N GLU B 293 5.65 1.87 -6.26
CA GLU B 293 6.62 2.92 -6.46
C GLU B 293 5.97 4.19 -6.93
N GLN B 294 5.03 4.08 -7.84
CA GLN B 294 4.44 5.30 -8.33
C GLN B 294 3.57 5.99 -7.29
N ILE B 295 2.80 5.24 -6.48
CA ILE B 295 1.95 5.91 -5.52
C ILE B 295 2.77 6.61 -4.43
N THR B 296 3.91 6.02 -4.09
CA THR B 296 4.91 6.55 -3.17
C THR B 296 5.65 7.75 -3.77
N ALA B 297 6.05 7.64 -5.03
CA ALA B 297 6.68 8.77 -5.74
C ALA B 297 5.72 10.00 -5.72
N LEU B 298 4.43 9.76 -5.97
CA LEU B 298 3.42 10.82 -5.94
C LEU B 298 3.34 11.48 -4.54
N MET B 299 3.24 10.68 -3.49
CA MET B 299 3.17 11.18 -2.11
C MET B 299 4.35 12.12 -1.86
N GLU B 300 5.50 11.68 -2.35
CA GLU B 300 6.71 12.40 -2.11
C GLU B 300 6.79 13.68 -2.88
N LYS B 301 6.25 13.67 -4.10
CA LYS B 301 6.32 14.82 -4.96
C LYS B 301 5.36 15.94 -4.55
N VAL B 302 4.16 15.60 -4.08
CA VAL B 302 3.14 16.66 -3.89
C VAL B 302 2.79 16.90 -2.43
N GLY B 303 3.16 15.94 -1.58
CA GLY B 303 2.90 15.96 -0.14
C GLY B 303 1.78 15.02 0.17
N ILE B 304 1.86 14.27 1.25
CA ILE B 304 0.79 13.33 1.62
C ILE B 304 -0.58 14.04 1.78
N ASP B 305 -0.56 15.31 2.23
CA ASP B 305 -1.75 16.16 2.38
C ASP B 305 -2.41 16.68 1.08
N LYS B 306 -1.78 16.47 -0.07
CA LYS B 306 -2.24 17.07 -1.32
C LYS B 306 -2.51 16.02 -2.37
N MET B 307 -2.42 14.76 -2.00
CA MET B 307 -2.59 13.73 -3.01
C MET B 307 -3.89 13.82 -3.81
N GLU B 308 -5.02 14.03 -3.13
CA GLU B 308 -6.35 14.05 -3.79
C GLU B 308 -6.49 15.17 -4.84
N GLU B 309 -5.82 16.30 -4.61
CA GLU B 309 -5.73 17.37 -5.60
C GLU B 309 -5.10 16.94 -6.92
N ASN B 310 -4.29 15.87 -6.88
CA ASN B 310 -3.52 15.40 -8.05
C ASN B 310 -3.96 14.08 -8.61
N LEU B 311 -4.54 13.24 -7.77
CA LEU B 311 -5.11 11.98 -8.20
C LEU B 311 -6.43 11.78 -7.46
N ASP B 312 -7.52 12.05 -8.17
CA ASP B 312 -8.87 11.85 -7.70
C ASP B 312 -9.05 10.42 -7.17
N PRO B 313 -9.39 10.30 -5.89
CA PRO B 313 -9.64 8.97 -5.31
C PRO B 313 -10.71 8.19 -6.06
N GLY B 314 -11.64 8.89 -6.71
CA GLY B 314 -12.62 8.20 -7.56
C GLY B 314 -12.04 7.64 -8.85
N ALA B 315 -10.85 8.06 -9.20
CA ALA B 315 -10.19 7.57 -10.41
C ALA B 315 -10.04 6.05 -10.37
N LEU B 316 -9.95 5.51 -9.16
CA LEU B 316 -9.73 4.10 -9.03
C LEU B 316 -10.96 3.23 -9.05
N LEU B 317 -12.16 3.83 -9.03
CA LEU B 317 -13.34 3.05 -8.92
C LEU B 317 -13.72 2.39 -10.25
N GLY B 318 -13.47 3.08 -11.36
CA GLY B 318 -13.85 2.53 -12.65
C GLY B 318 -12.80 1.61 -13.25
N THR B 319 -11.67 1.41 -12.57
CA THR B 319 -10.62 0.53 -13.12
C THR B 319 -10.37 -0.65 -12.22
N ALA B 320 -10.06 -0.40 -10.94
CA ALA B 320 -9.87 -1.46 -9.94
C ALA B 320 -11.06 -2.47 -9.81
N ASP B 321 -12.27 -2.08 -10.20
CA ASP B 321 -13.44 -2.96 -10.04
C ASP B 321 -13.32 -4.18 -10.93
N SER B 322 -12.51 -4.08 -11.98
CA SER B 322 -12.37 -5.18 -12.88
C SER B 322 -11.41 -6.19 -12.27
N MET B 323 -10.71 -5.79 -11.21
CA MET B 323 -9.83 -6.72 -10.47
C MET B 323 -10.51 -7.28 -9.23
N ASN B 324 -11.81 -7.01 -9.07
CA ASN B 324 -12.55 -7.52 -7.91
C ASN B 324 -12.85 -9.04 -7.94
N PHE B 325 -11.81 -9.87 -7.82
CA PHE B 325 -11.97 -11.34 -7.87
C PHE B 325 -10.84 -12.03 -7.11
N GLY B 326 -10.92 -13.33 -6.89
CA GLY B 326 -9.96 -14.05 -6.06
C GLY B 326 -9.81 -13.43 -4.68
N ALA B 327 -8.58 -13.45 -4.18
CA ALA B 327 -8.30 -13.01 -2.82
C ALA B 327 -8.53 -11.50 -2.64
N SER B 328 -8.31 -10.74 -3.72
CA SER B 328 -8.55 -9.28 -3.74
C SER B 328 -10.00 -8.89 -3.45
N ALA B 329 -10.94 -9.75 -3.82
CA ALA B 329 -12.35 -9.60 -3.41
C ALA B 329 -12.55 -9.50 -1.88
N GLU B 330 -11.64 -10.04 -1.07
CA GLU B 330 -11.76 -9.87 0.39
C GLU B 330 -11.56 -8.42 0.85
N ILE B 331 -10.87 -7.61 0.07
CA ILE B 331 -10.45 -6.31 0.55
C ILE B 331 -10.98 -5.15 -0.27
N LEU B 332 -11.14 -5.38 -1.57
CA LEU B 332 -11.53 -4.32 -2.52
C LEU B 332 -12.87 -3.61 -2.24
N PRO B 333 -13.91 -4.34 -1.81
CA PRO B 333 -15.21 -3.70 -1.52
C PRO B 333 -15.15 -2.63 -0.43
N THR B 334 -14.44 -2.94 0.65
CA THR B 334 -14.08 -1.97 1.71
C THR B 334 -13.30 -0.76 1.15
N VAL B 335 -12.27 -1.05 0.36
CA VAL B 335 -11.49 -0.02 -0.35
C VAL B 335 -12.39 0.86 -1.23
N PHE B 336 -13.39 0.26 -1.89
CA PHE B 336 -14.33 1.01 -2.76
C PHE B 336 -15.19 1.99 -2.00
N GLU B 337 -15.66 1.60 -0.82
CA GLU B 337 -16.40 2.51 0.06
C GLU B 337 -15.58 3.71 0.54
N ILE B 338 -14.29 3.48 0.86
CA ILE B 338 -13.38 4.56 1.26
C ILE B 338 -13.13 5.54 0.13
N LEU B 339 -12.76 5.03 -1.04
CA LEU B 339 -12.53 5.88 -2.21
C LEU B 339 -13.77 6.65 -2.61
N GLU B 340 -14.89 5.96 -2.68
CA GLU B 340 -16.18 6.58 -2.96
C GLU B 340 -16.47 7.82 -2.09
N LYS B 341 -16.20 7.72 -0.78
CA LYS B 341 -16.38 8.85 0.14
C LYS B 341 -15.51 10.05 -0.23
N ARG B 342 -14.27 9.78 -0.62
CA ARG B 342 -13.22 10.80 -0.74
C ARG B 342 -13.06 11.38 -2.15
N LYS B 343 -13.94 10.99 -3.06
CA LYS B 343 -13.81 11.36 -4.47
C LYS B 343 -14.18 12.81 -4.73
N LYS B 344 -13.43 13.44 -5.60
CA LYS B 344 -13.78 14.75 -6.10
C LYS B 344 -14.70 14.55 -7.28
O2 FE9 C . -8.89 -3.23 -26.05
FE FE9 C . -8.57 -0.72 -24.60
C1F FE9 C . -10.32 -0.44 -25.11
O1F FE9 C . -11.45 -0.25 -25.42
C2F FE9 C . -8.91 -0.28 -22.84
O2F FE9 C . -9.14 0.03 -21.69
C8 FE9 C . -7.87 0.90 -25.51
O18 FE9 C . -7.88 1.93 -24.52
C7 FE9 C . -7.36 1.05 -26.89
C6 FE9 C . -7.60 -0.33 -27.41
N1 FE9 C . -8.15 -1.20 -26.56
C5 FE9 C . -7.28 -0.65 -28.72
C5M FE9 C . -6.66 0.37 -29.64
C4 FE9 C . -7.52 -1.93 -29.17
C3 FE9 C . -8.07 -2.88 -28.27
C3M FE9 C . -8.35 -4.31 -28.67
C2 FE9 C . -8.35 -2.42 -26.98
O3P FE9 C . -7.19 -2.25 -30.45
P1 FE9 C . -8.24 -2.46 -31.65
O1P FE9 C . -7.80 -3.64 -32.52
O2P FE9 C . -9.66 -2.42 -31.10
O5' FE9 C . -8.04 -1.06 -32.39
C5' FE9 C . -6.89 -0.82 -33.21
C4' FE9 C . -7.39 -0.18 -34.50
O4' FE9 C . -6.30 0.38 -35.21
C1' FE9 C . -6.60 0.30 -36.61
C2' FE9 C . -7.22 -1.07 -36.74
O2' FE9 C . -8.04 -1.07 -37.91
C3' FE9 C . -8.02 -1.17 -35.47
O3' FE9 C . -9.34 -0.66 -35.68
N9A FE9 C . -5.39 0.56 -37.43
C4A FE9 C . -5.11 1.74 -37.98
N3A FE9 C . -5.75 2.93 -37.99
C2A FE9 C . -5.27 4.00 -38.66
N2A FE9 C . -5.99 5.16 -38.62
N1A FE9 C . -4.10 3.91 -39.35
C6A FE9 C . -3.41 2.73 -39.36
O6A FE9 C . -2.23 2.62 -40.02
C5A FE9 C . -3.92 1.61 -38.68
N7A FE9 C . -3.51 0.34 -38.51
C8A FE9 C . -4.41 -0.30 -37.74
O1 IC9 D . -9.60 -6.80 -25.05
S IC9 D . -9.25 -5.97 -23.94
O2 IC9 D . -9.93 -6.45 -22.76
C3 IC9 D . -7.59 -5.98 -23.64
C4 IC9 D . -6.61 -5.79 -24.80
C9 IC9 D . -5.74 -4.67 -24.78
C8 IC9 D . -4.82 -4.45 -25.82
C7 IC9 D . -4.75 -5.36 -26.87
C7M IC9 D . -3.77 -5.13 -28.00
C6 IC9 D . -5.59 -6.48 -26.88
C5 IC9 D . -6.51 -6.70 -25.85
C2 IC9 D . -9.81 -4.52 -24.22
N IC9 D . -9.43 -3.20 -23.90
C1 IC9 D . -9.00 -2.54 -24.86
O2 FE9 E . 7.92 2.96 26.26
FE FE9 E . 8.53 0.74 24.52
C1F FE9 E . 7.86 -0.32 25.90
O1F FE9 E . 7.43 -1.03 26.78
C2F FE9 E . 7.49 -0.09 23.23
O2F FE9 E . 6.81 -0.64 22.39
C8 FE9 E . 10.30 -0.17 24.55
O18 FE9 E . 10.16 -1.24 23.59
C7 FE9 E . 11.53 0.18 25.33
C6 FE9 E . 10.99 1.33 26.12
N1 FE9 E . 9.70 1.66 25.92
C5 FE9 E . 11.79 2.05 27.02
C5M FE9 E . 13.23 1.64 27.25
C4 FE9 E . 11.22 3.12 27.71
C3 FE9 E . 9.90 3.46 27.47
C3M FE9 E . 9.25 4.62 28.19
C2 FE9 E . 9.22 2.70 26.54
O3P FE9 E . 11.96 3.85 28.61
P1 FE9 E . 11.86 3.67 30.18
O1P FE9 E . 11.95 5.02 30.85
O2P FE9 E . 10.71 2.73 30.45
O5' FE9 E . 13.19 2.82 30.45
C5' FE9 E . 14.44 3.50 30.36
C4' FE9 E . 15.31 2.87 31.43
O4' FE9 E . 16.69 3.06 31.13
C1' FE9 E . 17.33 3.18 32.39
C2' FE9 E . 16.38 4.00 33.25
O2' FE9 E . 16.64 3.85 34.66
C3' FE9 E . 15.02 3.43 32.81
O3' FE9 E . 14.59 2.36 33.69
N9A FE9 E . 18.69 3.74 32.30
C4A FE9 E . 19.77 2.96 32.49
N3A FE9 E . 19.90 1.64 32.72
C2A FE9 E . 21.11 1.09 32.86
N2A FE9 E . 21.18 -0.24 33.11
N1A FE9 E . 22.24 1.84 32.77
C6A FE9 E . 22.16 3.17 32.52
O6A FE9 E . 23.31 3.91 32.43
C5A FE9 E . 20.90 3.77 32.37
N7A FE9 E . 20.44 5.04 32.13
C8A FE9 E . 19.08 5.01 32.08
O1 IC9 F . 5.53 5.52 26.52
S IC9 F . 5.45 4.86 25.23
O2 IC9 F . 4.16 5.09 24.64
C3 IC9 F . 6.63 5.39 24.14
C4 IC9 F . 7.97 5.99 24.61
C9 IC9 F . 9.16 5.51 24.04
C8 IC9 F . 10.40 6.04 24.44
C7 IC9 F . 10.49 7.05 25.40
C7M IC9 F . 11.84 7.60 25.82
C6 IC9 F . 9.30 7.54 25.96
C5 IC9 F . 8.05 7.03 25.56
C2 IC9 F . 5.59 3.29 25.51
N IC9 F . 6.32 2.27 24.86
C1 IC9 F . 7.50 2.10 25.28
#